data_5OYC
#
_entry.id   5OYC
#
_cell.length_a   55.004
_cell.length_b   96.434
_cell.length_c   158.954
_cell.angle_alpha   90.00
_cell.angle_beta   90.00
_cell.angle_gamma   90.00
#
_symmetry.space_group_name_H-M   'P 21 21 21'
#
loop_
_entity.id
_entity.type
_entity.pdbx_description
1 polymer 'Cellulase, putative, cel5D'
2 non-polymer GLYCEROL
3 non-polymer 'SULFATE ION'
4 non-polymer 'TETRAETHYLENE GLYCOL'
5 non-polymer 'CHLORIDE ION'
6 non-polymer 'NONAETHYLENE GLYCOL'
7 water water
#
_entity_poly.entity_id   1
_entity_poly.type   'polypeptide(L)'
_entity_poly.pdbx_seq_one_letter_code
;MGSSHHHHHHSSGLVPRGSHMASGLYPSYNTSPAAPDSTGMQSTAVQLAGKIRLGWNIGNTMEAIGGETAWGNPMVSNEL
LKLVKDSGFDAVRIPVAWDQYANQESAEISAAWLNRVKQVVQMAIDNELYVLINIHWDGGWLENNITPAKKDENNAKQKA
FWEQIATHLRDFDEHLLFAGTNEPNAENAEQMDVLNSYLQTFVDAVRSTGGKNAYRVLVLQGPVTDIEKTNELWTHMPAD
TATDRLMAEVHFYTPYNFALMRQDESWGKQFYYWGEGFLSTTDTERNPTWGEEATIDQLFDLMKTKFVDQGIPVVLGEFS
AMRRTNLTGDALTLHLAGRAYYHKYVTQQALARGLLPFYWDNGGNDNFSSGIFNRQQNTVFDQQVLDALLEGAGAQ
;
_entity_poly.pdbx_strand_id   A,B
#
# COMPACT_ATOMS: atom_id res chain seq x y z
N GLY A 24 28.84 -7.98 2.56
CA GLY A 24 28.74 -7.14 3.79
C GLY A 24 28.50 -5.65 3.49
N LEU A 25 27.26 -5.29 3.22
CA LEU A 25 26.90 -3.88 2.99
C LEU A 25 27.30 -3.01 4.19
N TYR A 26 27.07 -3.56 5.38
CA TYR A 26 27.29 -2.87 6.66
C TYR A 26 28.26 -3.66 7.52
N PRO A 27 28.96 -2.98 8.41
CA PRO A 27 29.74 -3.72 9.39
C PRO A 27 28.91 -4.64 10.25
N SER A 28 29.55 -5.62 10.86
CA SER A 28 28.96 -6.39 11.93
C SER A 28 28.78 -5.54 13.17
N TYR A 29 27.60 -5.62 13.76
CA TYR A 29 27.31 -5.04 15.03
C TYR A 29 27.15 -6.08 16.09
N ASN A 30 27.57 -7.33 15.82
CA ASN A 30 27.58 -8.36 16.83
C ASN A 30 28.95 -8.41 17.50
N THR A 31 29.22 -7.31 18.23
CA THR A 31 30.55 -6.90 18.71
C THR A 31 30.89 -7.46 20.09
N SER A 32 29.91 -7.93 20.82
CA SER A 32 30.23 -8.46 22.13
C SER A 32 29.39 -9.66 22.43
N PRO A 33 29.40 -10.67 21.55
CA PRO A 33 28.49 -11.76 21.83
C PRO A 33 28.82 -12.43 23.16
N ALA A 34 27.78 -12.75 23.94
CA ALA A 34 27.92 -13.25 25.30
C ALA A 34 27.57 -14.74 25.44
N ALA A 35 28.10 -15.35 26.51
CA ALA A 35 27.75 -16.72 26.82
C ALA A 35 26.18 -16.80 26.91
N PRO A 36 25.55 -17.84 26.35
CA PRO A 36 24.08 -17.99 26.55
C PRO A 36 23.76 -17.98 28.03
N ASP A 37 22.65 -17.39 28.44
CA ASP A 37 22.29 -17.24 29.87
C ASP A 37 20.78 -17.40 30.01
N SER A 38 20.36 -18.41 30.76
CA SER A 38 18.93 -18.70 30.90
C SER A 38 18.40 -18.19 32.23
N THR A 39 19.25 -17.56 33.03
CA THR A 39 18.81 -16.85 34.24
C THR A 39 17.69 -15.88 33.95
N GLY A 40 16.57 -16.08 34.64
CA GLY A 40 15.40 -15.19 34.48
C GLY A 40 14.67 -15.42 33.14
N MET A 41 15.01 -16.49 32.40
CA MET A 41 14.46 -16.72 31.05
C MET A 41 13.81 -18.12 30.96
N GLN A 42 13.23 -18.52 32.05
CA GLN A 42 12.82 -19.90 32.17
C GLN A 42 11.49 -20.24 31.49
N SER A 43 10.66 -19.24 31.23
CA SER A 43 9.30 -19.48 30.67
C SER A 43 9.36 -19.77 29.18
N THR A 44 8.56 -20.75 28.74
CA THR A 44 8.34 -20.95 27.31
C THR A 44 7.40 -19.86 26.84
N ALA A 45 7.25 -19.79 25.53
CA ALA A 45 6.33 -18.80 24.97
C ALA A 45 4.90 -18.98 25.54
N VAL A 46 4.48 -20.24 25.63
CA VAL A 46 3.15 -20.52 26.19
C VAL A 46 3.01 -20.08 27.65
N GLN A 47 4.03 -20.37 28.44
CA GLN A 47 4.02 -19.98 29.86
C GLN A 47 4.00 -18.47 30.00
N LEU A 48 4.76 -17.79 29.16
CA LEU A 48 4.81 -16.30 29.17
C LEU A 48 3.46 -15.69 28.78
N ALA A 49 2.81 -16.28 27.76
CA ALA A 49 1.52 -15.78 27.30
C ALA A 49 0.44 -15.88 28.39
N GLY A 50 0.51 -16.91 29.22
CA GLY A 50 -0.36 -17.09 30.35
C GLY A 50 -0.32 -15.95 31.36
N LYS A 51 0.77 -15.19 31.34
CA LYS A 51 0.95 -14.08 32.27
C LYS A 51 0.43 -12.74 31.77
N ILE A 52 -0.06 -12.69 30.53
CA ILE A 52 -0.51 -11.47 29.94
C ILE A 52 -2.00 -11.59 29.53
N ARG A 53 -2.88 -10.77 30.12
CA ARG A 53 -4.27 -10.66 29.64
C ARG A 53 -4.61 -9.34 28.95
N LEU A 54 -3.89 -8.24 29.24
CA LEU A 54 -4.23 -7.00 28.63
C LEU A 54 -2.95 -6.18 28.46
N GLY A 55 -2.73 -5.70 27.25
CA GLY A 55 -1.63 -4.83 26.92
C GLY A 55 -2.04 -3.48 26.39
N TRP A 56 -1.10 -2.53 26.41
CA TRP A 56 -1.29 -1.14 26.03
C TRP A 56 -0.15 -0.76 25.11
N ASN A 57 -0.44 -0.19 23.95
CA ASN A 57 0.59 0.32 23.05
C ASN A 57 0.89 1.77 23.44
N ILE A 58 2.19 2.09 23.50
CA ILE A 58 2.62 3.48 23.64
C ILE A 58 2.64 4.12 22.26
N GLY A 59 1.45 4.37 21.70
CA GLY A 59 1.42 4.80 20.30
C GLY A 59 1.80 6.24 20.07
N ASN A 60 2.26 6.47 18.87
CA ASN A 60 2.63 7.78 18.31
C ASN A 60 3.68 8.45 19.20
N THR A 61 4.61 7.65 19.74
CA THR A 61 5.60 8.14 20.70
C THR A 61 7.02 7.76 20.25
N MET A 62 7.55 6.61 20.66
CA MET A 62 8.96 6.31 20.32
C MET A 62 9.15 6.00 18.84
N GLU A 63 8.06 5.70 18.13
CA GLU A 63 8.15 5.49 16.67
C GLU A 63 7.88 6.71 15.83
N ALA A 64 7.61 7.83 16.50
CA ALA A 64 7.26 9.04 15.80
C ALA A 64 8.44 9.54 14.92
N ILE A 65 8.12 9.91 13.71
CA ILE A 65 9.12 10.43 12.77
C ILE A 65 9.35 11.89 13.13
N GLY A 66 10.62 12.24 13.31
CA GLY A 66 11.02 13.53 13.83
C GLY A 66 11.49 13.53 15.27
N GLY A 67 11.25 12.46 16.00
CA GLY A 67 11.65 12.33 17.42
C GLY A 67 10.45 11.94 18.24
N GLU A 68 10.74 11.58 19.48
CA GLU A 68 9.77 11.00 20.40
C GLU A 68 8.56 11.91 20.67
N THR A 69 8.75 13.21 20.63
CA THR A 69 7.68 14.16 20.89
C THR A 69 7.08 14.76 19.59
N ALA A 70 7.53 14.30 18.45
CA ALA A 70 7.22 14.99 17.22
C ALA A 70 5.72 14.80 16.78
N TRP A 71 5.06 13.79 17.33
CA TRP A 71 3.64 13.59 17.05
C TRP A 71 2.68 14.05 18.13
N GLY A 72 3.20 14.89 19.04
CA GLY A 72 2.37 15.53 20.04
C GLY A 72 2.34 14.83 21.38
N ASN A 73 2.99 13.69 21.54
CA ASN A 73 2.99 13.05 22.85
C ASN A 73 4.27 13.45 23.61
N PRO A 74 4.21 13.45 24.94
CA PRO A 74 5.43 13.72 25.72
C PRO A 74 6.35 12.50 25.69
N MET A 75 7.59 12.70 26.14
CA MET A 75 8.50 11.62 26.30
C MET A 75 7.93 10.65 27.31
N VAL A 76 8.11 9.37 27.05
CA VAL A 76 7.66 8.35 27.98
C VAL A 76 8.28 8.59 29.39
N SER A 77 7.42 8.66 30.38
CA SER A 77 7.85 8.84 31.79
C SER A 77 7.54 7.61 32.64
N ASN A 78 8.30 7.44 33.72
CA ASN A 78 7.98 6.41 34.70
C ASN A 78 6.55 6.56 35.19
N GLU A 79 6.10 7.80 35.33
CA GLU A 79 4.78 8.07 35.87
C GLU A 79 3.70 7.51 34.94
N LEU A 80 3.90 7.66 33.64
CA LEU A 80 2.95 7.05 32.65
C LEU A 80 2.89 5.53 32.83
N LEU A 81 4.04 4.90 32.95
CA LEU A 81 4.12 3.47 32.99
C LEU A 81 3.54 2.96 34.27
N LYS A 82 3.74 3.73 35.36
CA LYS A 82 3.06 3.43 36.64
C LYS A 82 1.51 3.45 36.53
N LEU A 83 1.01 4.49 35.89
CA LEU A 83 -0.42 4.64 35.62
C LEU A 83 -0.98 3.45 34.79
N VAL A 84 -0.20 3.02 33.81
CA VAL A 84 -0.59 1.93 32.92
C VAL A 84 -0.72 0.68 33.75
N LYS A 85 0.29 0.40 34.57
CA LYS A 85 0.23 -0.78 35.42
C LYS A 85 -0.89 -0.65 36.44
N ASP A 86 -1.03 0.49 37.09
CA ASP A 86 -2.02 0.63 38.15
C ASP A 86 -3.42 0.57 37.58
N SER A 87 -3.57 0.95 36.30
CA SER A 87 -4.89 0.95 35.68
C SER A 87 -5.32 -0.43 35.28
N GLY A 88 -4.41 -1.40 35.35
CA GLY A 88 -4.77 -2.79 35.11
C GLY A 88 -4.12 -3.51 33.94
N PHE A 89 -3.21 -2.87 33.21
CA PHE A 89 -2.49 -3.51 32.13
C PHE A 89 -1.34 -4.38 32.67
N ASP A 90 -1.09 -5.50 32.00
CA ASP A 90 0.00 -6.41 32.31
C ASP A 90 1.27 -6.17 31.46
N ALA A 91 1.13 -5.51 30.33
CA ALA A 91 2.14 -5.39 29.33
C ALA A 91 1.98 -4.10 28.54
N VAL A 92 3.11 -3.67 27.97
CA VAL A 92 3.14 -2.62 26.99
C VAL A 92 3.80 -3.12 25.70
N ARG A 93 3.30 -2.64 24.57
CA ARG A 93 3.94 -2.79 23.32
C ARG A 93 4.45 -1.40 23.02
N ILE A 94 5.77 -1.33 22.73
CA ILE A 94 6.40 -0.10 22.40
C ILE A 94 6.87 -0.10 20.95
N PRO A 95 6.10 0.52 20.06
CA PRO A 95 6.61 0.82 18.75
C PRO A 95 7.82 1.73 18.84
N VAL A 96 8.85 1.39 18.08
CA VAL A 96 10.12 2.19 18.07
C VAL A 96 10.57 2.45 16.64
N ALA A 97 11.02 3.70 16.42
CA ALA A 97 11.65 4.09 15.20
C ALA A 97 13.17 4.00 15.42
N TRP A 98 13.89 3.66 14.35
CA TRP A 98 15.36 3.42 14.43
C TRP A 98 16.09 4.02 13.26
N ASP A 99 15.59 3.79 12.05
CA ASP A 99 16.25 4.27 10.84
C ASP A 99 16.63 5.74 10.89
N GLN A 100 15.72 6.59 11.35
CA GLN A 100 16.02 8.05 11.38
C GLN A 100 17.13 8.40 12.40
N TYR A 101 17.44 7.48 13.30
CA TYR A 101 18.52 7.64 14.26
C TYR A 101 19.86 7.01 13.79
N ALA A 102 19.89 6.50 12.57
CA ALA A 102 21.02 5.69 12.08
C ALA A 102 21.73 6.37 10.96
N ASN A 103 23.05 6.24 11.03
CA ASN A 103 23.91 6.63 9.97
C ASN A 103 23.54 5.77 8.76
N GLN A 104 23.28 6.41 7.64
CA GLN A 104 22.74 5.67 6.49
C GLN A 104 23.80 4.95 5.66
N GLU A 105 25.07 5.32 5.84
CA GLU A 105 26.21 4.62 5.23
C GLU A 105 26.54 3.34 6.00
N SER A 106 26.59 3.41 7.33
CA SER A 106 27.03 2.30 8.16
C SER A 106 25.95 1.51 8.86
N ALA A 107 24.72 2.04 8.88
CA ALA A 107 23.62 1.54 9.70
C ALA A 107 23.80 1.60 11.21
N GLU A 108 24.77 2.42 11.68
CA GLU A 108 25.01 2.58 13.09
C GLU A 108 23.91 3.45 13.71
N ILE A 109 23.26 2.94 14.73
CA ILE A 109 22.22 3.67 15.43
C ILE A 109 22.88 4.55 16.51
N SER A 110 22.35 5.75 16.65
CA SER A 110 22.76 6.68 17.68
C SER A 110 22.85 5.97 19.08
N ALA A 111 24.01 6.07 19.71
CA ALA A 111 24.17 5.60 21.07
C ALA A 111 23.16 6.26 22.03
N ALA A 112 22.92 7.57 21.88
CA ALA A 112 21.95 8.28 22.77
C ALA A 112 20.54 7.68 22.62
N TRP A 113 20.17 7.35 21.39
CA TRP A 113 18.83 6.72 21.16
C TRP A 113 18.75 5.28 21.75
N LEU A 114 19.76 4.45 21.54
CA LEU A 114 19.83 3.15 22.20
C LEU A 114 19.68 3.23 23.69
N ASN A 115 20.39 4.20 24.29
CA ASN A 115 20.26 4.39 25.70
C ASN A 115 18.88 4.84 26.14
N ARG A 116 18.27 5.71 25.31
CA ARG A 116 16.88 6.18 25.61
C ARG A 116 15.89 5.04 25.62
N VAL A 117 15.99 4.21 24.60
CA VAL A 117 15.14 2.96 24.51
C VAL A 117 15.36 2.04 25.70
N LYS A 118 16.63 1.82 26.01
CA LYS A 118 16.98 1.02 27.15
C LYS A 118 16.37 1.59 28.40
N GLN A 119 16.48 2.92 28.58
CA GLN A 119 15.87 3.55 29.78
C GLN A 119 14.35 3.29 29.89
N VAL A 120 13.65 3.43 28.76
CA VAL A 120 12.18 3.15 28.75
C VAL A 120 11.84 1.67 29.11
N VAL A 121 12.60 0.75 28.53
CA VAL A 121 12.46 -0.66 28.85
C VAL A 121 12.65 -0.87 30.38
N GLN A 122 13.74 -0.29 30.93
CA GLN A 122 14.02 -0.47 32.35
C GLN A 122 12.86 0.03 33.20
N MET A 123 12.32 1.21 32.87
CA MET A 123 11.17 1.77 33.63
C MET A 123 9.94 0.85 33.54
N ALA A 124 9.71 0.27 32.36
CA ALA A 124 8.52 -0.55 32.20
C ALA A 124 8.71 -1.76 33.06
N ILE A 125 9.92 -2.32 33.04
CA ILE A 125 10.19 -3.54 33.85
C ILE A 125 10.14 -3.24 35.34
N ASP A 126 10.65 -2.07 35.73
CA ASP A 126 10.55 -1.61 37.13
C ASP A 126 9.11 -1.50 37.59
N ASN A 127 8.17 -1.21 36.69
CA ASN A 127 6.75 -1.18 37.00
C ASN A 127 6.03 -2.52 36.79
N GLU A 128 6.80 -3.60 36.68
CA GLU A 128 6.32 -4.97 36.61
C GLU A 128 5.48 -5.21 35.36
N LEU A 129 5.81 -4.51 34.29
CA LEU A 129 5.17 -4.73 33.01
C LEU A 129 6.02 -5.62 32.13
N TYR A 130 5.38 -6.52 31.38
CA TYR A 130 6.02 -7.11 30.22
C TYR A 130 6.11 -6.05 29.13
N VAL A 131 7.11 -6.19 28.29
CA VAL A 131 7.43 -5.17 27.31
C VAL A 131 7.80 -5.77 25.97
N LEU A 132 7.11 -5.34 24.91
CA LEU A 132 7.37 -5.77 23.54
C LEU A 132 7.94 -4.57 22.75
N ILE A 133 9.23 -4.65 22.39
CA ILE A 133 9.88 -3.71 21.50
C ILE A 133 9.92 -4.18 20.10
N ASN A 134 9.69 -3.27 19.16
CA ASN A 134 9.80 -3.63 17.74
C ASN A 134 10.65 -2.70 16.91
N ILE A 135 10.78 -3.01 15.63
CA ILE A 135 11.07 -2.01 14.61
C ILE A 135 9.72 -1.72 13.97
N HIS A 136 9.26 -0.50 14.04
CA HIS A 136 7.89 -0.19 13.56
C HIS A 136 7.89 0.12 12.07
N TRP A 137 6.85 0.80 11.56
CA TRP A 137 6.83 1.27 10.18
C TRP A 137 8.18 1.94 9.82
N ASP A 138 8.60 2.84 10.71
CA ASP A 138 9.98 3.31 10.68
C ASP A 138 10.39 4.03 9.40
N GLY A 139 9.42 4.73 8.84
CA GLY A 139 9.57 5.45 7.62
C GLY A 139 9.42 4.63 6.37
N GLY A 140 9.24 3.33 6.53
CA GLY A 140 8.87 2.47 5.41
C GLY A 140 9.94 1.55 4.85
N TRP A 141 11.16 1.60 5.38
CA TRP A 141 12.25 1.00 4.68
C TRP A 141 12.06 -0.51 4.47
N LEU A 142 11.59 -1.17 5.52
CA LEU A 142 11.25 -2.61 5.38
C LEU A 142 9.75 -2.75 5.03
N GLU A 143 8.90 -2.12 5.83
CA GLU A 143 7.47 -2.35 5.82
C GLU A 143 6.81 -2.27 4.44
N ASN A 144 7.20 -1.28 3.63
CA ASN A 144 6.62 -1.09 2.31
C ASN A 144 7.42 -1.72 1.20
N ASN A 145 8.40 -2.57 1.56
CA ASN A 145 9.38 -3.07 0.61
C ASN A 145 9.66 -4.57 0.80
N ILE A 146 8.59 -5.35 0.80
CA ILE A 146 8.65 -6.78 0.96
C ILE A 146 8.72 -7.31 -0.48
N THR A 147 9.86 -7.10 -1.12
CA THR A 147 10.01 -7.36 -2.54
C THR A 147 11.34 -8.03 -2.86
N PRO A 148 11.40 -8.82 -3.94
CA PRO A 148 12.69 -9.32 -4.40
C PRO A 148 13.76 -8.22 -4.67
N ALA A 149 13.36 -7.07 -5.14
CA ALA A 149 14.34 -6.00 -5.42
C ALA A 149 15.05 -5.45 -4.15
N LYS A 150 14.33 -5.45 -3.02
CA LYS A 150 14.83 -4.88 -1.75
C LYS A 150 15.32 -5.94 -0.78
N LYS A 151 15.09 -7.21 -1.13
CA LYS A 151 15.34 -8.30 -0.19
C LYS A 151 16.76 -8.24 0.41
N ASP A 152 17.75 -8.16 -0.48
CA ASP A 152 19.14 -8.22 0.00
C ASP A 152 19.54 -7.05 0.88
N GLU A 153 19.27 -5.85 0.42
CA GLU A 153 19.61 -4.65 1.20
C GLU A 153 18.82 -4.55 2.45
N ASN A 154 17.56 -4.97 2.42
CA ASN A 154 16.79 -4.92 3.65
C ASN A 154 17.19 -6.01 4.65
N ASN A 155 17.57 -7.20 4.22
CA ASN A 155 18.10 -8.18 5.15
C ASN A 155 19.36 -7.63 5.87
N ALA A 156 20.22 -6.92 5.10
CA ALA A 156 21.43 -6.35 5.65
C ALA A 156 21.10 -5.30 6.76
N LYS A 157 20.13 -4.42 6.51
CA LYS A 157 19.72 -3.42 7.50
C LYS A 157 19.01 -4.04 8.69
N GLN A 158 18.11 -5.01 8.41
CA GLN A 158 17.46 -5.77 9.45
C GLN A 158 18.47 -6.42 10.39
N LYS A 159 19.50 -7.03 9.81
CA LYS A 159 20.58 -7.67 10.60
C LYS A 159 21.34 -6.62 11.46
N ALA A 160 21.78 -5.57 10.77
CA ALA A 160 22.61 -4.50 11.41
C ALA A 160 21.81 -3.86 12.58
N PHE A 161 20.57 -3.51 12.34
CA PHE A 161 19.71 -2.94 13.42
C PHE A 161 19.45 -3.89 14.54
N TRP A 162 18.99 -5.10 14.21
CA TRP A 162 18.72 -6.06 15.27
C TRP A 162 19.96 -6.46 16.08
N GLU A 163 21.12 -6.59 15.43
CA GLU A 163 22.34 -6.82 16.19
C GLU A 163 22.56 -5.73 17.26
N GLN A 164 22.37 -4.47 16.85
CA GLN A 164 22.51 -3.35 17.80
C GLN A 164 21.48 -3.29 18.90
N ILE A 165 20.18 -3.43 18.53
CA ILE A 165 19.11 -3.36 19.49
C ILE A 165 19.23 -4.50 20.46
N ALA A 166 19.44 -5.72 19.93
CA ALA A 166 19.52 -6.89 20.86
C ALA A 166 20.77 -6.79 21.80
N THR A 167 21.90 -6.38 21.23
CA THR A 167 23.13 -6.26 22.05
C THR A 167 22.87 -5.29 23.20
N HIS A 168 22.25 -4.16 22.87
CA HIS A 168 22.07 -3.13 23.88
C HIS A 168 21.07 -3.51 24.96
N LEU A 169 20.06 -4.31 24.59
CA LEU A 169 19.02 -4.70 25.53
C LEU A 169 19.15 -6.15 26.03
N ARG A 170 20.34 -6.72 25.84
CA ARG A 170 20.58 -8.16 26.11
C ARG A 170 20.32 -8.63 27.53
N ASP A 171 20.61 -7.76 28.53
CA ASP A 171 20.59 -8.20 29.94
C ASP A 171 19.24 -8.13 30.61
N PHE A 172 18.22 -7.66 29.91
CA PHE A 172 16.87 -7.70 30.47
C PHE A 172 16.36 -9.13 30.53
N ASP A 173 15.65 -9.45 31.59
CA ASP A 173 15.06 -10.78 31.70
C ASP A 173 13.80 -10.92 30.79
N GLU A 174 13.04 -11.97 31.05
CA GLU A 174 11.91 -12.38 30.17
C GLU A 174 10.73 -11.42 30.15
N HIS A 175 10.78 -10.38 30.97
CA HIS A 175 9.83 -9.29 30.83
C HIS A 175 9.95 -8.61 29.49
N LEU A 176 11.12 -8.69 28.88
CA LEU A 176 11.34 -8.07 27.56
C LEU A 176 11.25 -9.10 26.45
N LEU A 177 10.33 -8.83 25.52
CA LEU A 177 10.17 -9.52 24.24
C LEU A 177 10.55 -8.64 23.06
N PHE A 178 11.03 -9.25 21.95
CA PHE A 178 11.27 -8.49 20.73
C PHE A 178 10.28 -8.91 19.63
N ALA A 179 9.86 -7.95 18.81
CA ALA A 179 9.03 -8.20 17.59
C ALA A 179 9.77 -7.68 16.41
N GLY A 180 9.98 -8.54 15.41
CA GLY A 180 10.95 -8.22 14.36
C GLY A 180 10.58 -7.10 13.41
N THR A 181 9.25 -7.02 13.11
CA THR A 181 8.67 -6.07 12.18
C THR A 181 7.31 -5.58 12.76
N ASN A 182 6.59 -4.76 12.00
CA ASN A 182 5.32 -4.20 12.40
C ASN A 182 4.19 -4.73 11.53
N GLU A 183 3.89 -4.06 10.42
CA GLU A 183 2.81 -4.52 9.50
C GLU A 183 3.41 -4.78 8.11
N PRO A 184 4.35 -5.70 8.03
CA PRO A 184 5.02 -5.83 6.72
C PRO A 184 4.07 -6.09 5.55
N ASN A 185 4.21 -5.32 4.48
N ASN A 185 4.12 -5.30 4.49
CA ASN A 185 3.27 -5.30 3.35
CA ASN A 185 3.11 -5.41 3.40
C ASN A 185 3.54 -6.49 2.37
C ASN A 185 3.49 -6.49 2.38
N ALA A 186 3.23 -7.74 2.77
CA ALA A 186 3.42 -8.91 1.92
C ALA A 186 2.03 -9.31 1.42
N GLU A 187 1.90 -9.34 0.11
CA GLU A 187 0.59 -9.43 -0.54
C GLU A 187 0.34 -10.76 -1.30
N ASN A 188 1.36 -11.59 -1.45
CA ASN A 188 1.25 -12.84 -2.18
C ASN A 188 2.35 -13.77 -1.70
N ALA A 189 2.42 -14.94 -2.31
CA ALA A 189 3.33 -15.96 -1.84
C ALA A 189 4.79 -15.57 -2.08
N GLU A 190 5.07 -14.89 -3.18
CA GLU A 190 6.43 -14.45 -3.46
C GLU A 190 6.91 -13.45 -2.38
N GLN A 191 6.05 -12.51 -2.06
CA GLN A 191 6.38 -11.53 -1.02
C GLN A 191 6.40 -12.16 0.36
N MET A 192 5.55 -13.14 0.61
CA MET A 192 5.66 -13.89 1.83
C MET A 192 7.02 -14.58 2.03
N ASP A 193 7.65 -15.12 0.99
CA ASP A 193 8.98 -15.74 1.11
C ASP A 193 9.99 -14.66 1.49
N VAL A 194 9.80 -13.47 0.93
CA VAL A 194 10.71 -12.34 1.28
C VAL A 194 10.53 -12.00 2.75
N LEU A 195 9.31 -11.82 3.21
CA LEU A 195 9.05 -11.64 4.64
C LEU A 195 9.63 -12.75 5.51
N ASN A 196 9.47 -14.02 5.07
CA ASN A 196 10.05 -15.11 5.86
C ASN A 196 11.58 -14.92 6.03
N SER A 197 12.23 -14.45 4.97
CA SER A 197 13.71 -14.09 4.99
C SER A 197 13.99 -13.04 6.08
N TYR A 198 13.22 -11.96 6.02
CA TYR A 198 13.35 -10.84 7.00
C TYR A 198 13.14 -11.32 8.43
N LEU A 199 12.16 -12.23 8.63
CA LEU A 199 11.89 -12.75 9.95
C LEU A 199 13.02 -13.68 10.43
N GLN A 200 13.55 -14.51 9.53
CA GLN A 200 14.68 -15.36 9.85
C GLN A 200 15.91 -14.52 10.19
N THR A 201 16.11 -13.43 9.45
CA THR A 201 17.30 -12.54 9.69
C THR A 201 17.21 -11.96 11.10
N PHE A 202 15.98 -11.58 11.49
CA PHE A 202 15.67 -11.09 12.84
C PHE A 202 16.05 -12.08 13.92
N VAL A 203 15.52 -13.30 13.83
CA VAL A 203 15.75 -14.31 14.86
C VAL A 203 17.27 -14.59 14.93
N ASP A 204 17.90 -14.77 13.78
CA ASP A 204 19.32 -15.10 13.72
C ASP A 204 20.17 -14.00 14.36
N ALA A 205 19.85 -12.72 14.05
CA ALA A 205 20.58 -11.61 14.64
C ALA A 205 20.45 -11.57 16.15
N VAL A 206 19.22 -11.65 16.63
CA VAL A 206 19.03 -11.69 18.10
C VAL A 206 19.80 -12.80 18.76
N ARG A 207 19.61 -14.01 18.28
CA ARG A 207 20.23 -15.18 18.85
C ARG A 207 21.75 -15.10 18.82
N SER A 208 22.30 -14.53 17.76
CA SER A 208 23.78 -14.39 17.61
C SER A 208 24.41 -13.60 18.71
N THR A 209 23.64 -12.74 19.34
CA THR A 209 24.22 -11.84 20.40
C THR A 209 24.39 -12.58 21.72
N GLY A 210 23.76 -13.75 21.85
CA GLY A 210 23.98 -14.58 23.04
C GLY A 210 23.41 -13.98 24.32
N GLY A 211 23.95 -14.38 25.46
CA GLY A 211 23.44 -13.90 26.74
C GLY A 211 21.99 -14.37 26.85
N LYS A 212 21.17 -13.55 27.49
CA LYS A 212 19.73 -13.86 27.66
C LYS A 212 19.01 -13.86 26.30
N ASN A 213 19.59 -13.22 25.30
CA ASN A 213 19.01 -13.27 23.94
C ASN A 213 19.05 -14.66 23.29
N ALA A 214 19.78 -15.61 23.85
CA ALA A 214 19.78 -16.97 23.35
C ALA A 214 18.39 -17.62 23.61
N TYR A 215 17.68 -17.16 24.67
CA TYR A 215 16.42 -17.76 25.11
C TYR A 215 15.21 -16.80 25.07
N ARG A 216 15.41 -15.52 24.76
CA ARG A 216 14.31 -14.53 24.79
C ARG A 216 13.18 -14.89 23.81
N VAL A 217 11.98 -14.73 24.30
CA VAL A 217 10.78 -14.96 23.46
C VAL A 217 10.73 -13.85 22.39
N LEU A 218 10.53 -14.26 21.14
CA LEU A 218 10.49 -13.37 19.99
C LEU A 218 9.11 -13.50 19.32
N VAL A 219 8.68 -12.40 18.71
CA VAL A 219 7.33 -12.28 18.13
C VAL A 219 7.49 -11.99 16.65
N LEU A 220 6.81 -12.78 15.82
CA LEU A 220 6.92 -12.75 14.38
C LEU A 220 5.58 -12.35 13.78
N GLN A 221 5.64 -11.49 12.79
CA GLN A 221 4.48 -10.88 12.24
C GLN A 221 3.96 -11.59 10.99
N GLY A 222 2.64 -11.80 10.97
CA GLY A 222 1.99 -12.25 9.73
C GLY A 222 1.97 -11.16 8.68
N PRO A 223 1.76 -11.55 7.45
CA PRO A 223 1.68 -10.61 6.35
C PRO A 223 0.59 -9.53 6.59
N VAL A 224 1.07 -8.30 6.59
CA VAL A 224 0.33 -7.10 6.93
C VAL A 224 -0.30 -7.16 8.33
N THR A 225 0.16 -8.08 9.16
CA THR A 225 -0.51 -8.47 10.37
C THR A 225 -2.00 -8.64 10.15
N ASP A 226 -2.40 -9.12 8.99
CA ASP A 226 -3.84 -9.28 8.66
C ASP A 226 -4.18 -10.76 8.85
N ILE A 227 -5.27 -11.01 9.57
CA ILE A 227 -5.65 -12.39 9.93
C ILE A 227 -5.88 -13.26 8.68
N GLU A 228 -6.64 -12.76 7.72
CA GLU A 228 -6.95 -13.56 6.53
C GLU A 228 -5.72 -13.81 5.64
N LYS A 229 -4.86 -12.79 5.45
CA LYS A 229 -3.67 -12.99 4.64
C LYS A 229 -2.72 -13.97 5.33
N THR A 230 -2.63 -13.90 6.68
CA THR A 230 -1.76 -14.76 7.44
C THR A 230 -2.29 -16.17 7.28
N ASN A 231 -3.59 -16.35 7.49
CA ASN A 231 -4.16 -17.70 7.27
C ASN A 231 -3.79 -18.31 5.91
N GLU A 232 -3.89 -17.46 4.89
CA GLU A 232 -3.64 -17.88 3.53
C GLU A 232 -2.15 -18.18 3.22
N LEU A 233 -1.25 -17.33 3.73
CA LEU A 233 0.12 -17.28 3.25
C LEU A 233 1.15 -17.87 4.20
N TRP A 234 0.82 -17.94 5.48
CA TRP A 234 1.82 -18.42 6.45
C TRP A 234 2.24 -19.85 6.19
N THR A 235 3.53 -20.13 6.28
CA THR A 235 4.01 -21.51 6.28
C THR A 235 4.57 -21.96 7.61
N HIS A 236 5.74 -21.47 8.04
CA HIS A 236 6.35 -21.93 9.27
C HIS A 236 6.93 -20.71 9.99
N MET A 237 7.17 -20.89 11.28
CA MET A 237 8.11 -20.03 12.01
C MET A 237 9.51 -20.13 11.42
N PRO A 238 10.31 -19.04 11.60
CA PRO A 238 11.74 -19.16 11.32
C PRO A 238 12.36 -20.25 12.17
N ALA A 239 13.46 -20.82 11.67
CA ALA A 239 14.17 -21.80 12.42
C ALA A 239 14.83 -21.06 13.62
N ASP A 240 14.85 -21.72 14.75
CA ASP A 240 15.35 -21.18 16.02
C ASP A 240 16.20 -22.23 16.73
N THR A 241 17.31 -21.77 17.28
CA THR A 241 18.12 -22.63 18.15
C THR A 241 17.46 -22.86 19.47
N ALA A 242 16.65 -21.92 19.91
CA ALA A 242 15.84 -22.10 21.14
C ALA A 242 14.55 -22.88 20.86
N THR A 243 14.05 -23.50 21.92
CA THR A 243 12.83 -24.36 21.85
C THR A 243 11.61 -23.63 22.37
N ASP A 244 10.55 -23.59 21.56
CA ASP A 244 9.25 -23.07 22.00
C ASP A 244 9.36 -21.65 22.59
N ARG A 245 10.09 -20.78 21.89
CA ARG A 245 10.30 -19.41 22.32
C ARG A 245 9.79 -18.39 21.30
N LEU A 246 8.78 -18.79 20.49
CA LEU A 246 8.27 -17.89 19.46
C LEU A 246 6.75 -17.69 19.57
N MET A 247 6.30 -16.47 19.29
CA MET A 247 4.87 -16.14 19.13
C MET A 247 4.63 -15.54 17.77
N ALA A 248 3.37 -15.58 17.36
CA ALA A 248 2.91 -14.89 16.16
C ALA A 248 2.21 -13.60 16.52
N GLU A 249 2.11 -12.66 15.59
CA GLU A 249 1.43 -11.40 15.80
C GLU A 249 0.51 -11.02 14.63
N VAL A 250 -0.72 -10.67 14.99
CA VAL A 250 -1.64 -10.03 14.06
C VAL A 250 -2.21 -8.80 14.69
N HIS A 251 -2.76 -7.93 13.85
CA HIS A 251 -3.44 -6.72 14.31
C HIS A 251 -4.92 -6.78 13.90
N PHE A 252 -5.73 -5.88 14.42
CA PHE A 252 -7.22 -5.94 14.22
C PHE A 252 -7.90 -4.61 14.26
N TYR A 253 -8.41 -4.18 13.13
CA TYR A 253 -9.16 -2.91 12.99
C TYR A 253 -10.43 -3.15 12.15
N THR A 254 -10.99 -4.34 12.33
CA THR A 254 -12.16 -4.75 11.51
C THR A 254 -13.44 -4.43 12.30
N PRO A 255 -14.46 -3.85 11.67
CA PRO A 255 -14.44 -3.40 10.30
C PRO A 255 -13.90 -2.01 10.19
N TYR A 256 -13.14 -1.76 9.15
CA TYR A 256 -12.48 -0.46 8.89
C TYR A 256 -13.44 0.67 8.99
N ASN A 257 -14.65 0.49 8.42
CA ASN A 257 -15.62 1.58 8.35
C ASN A 257 -15.95 2.14 9.75
N PHE A 258 -15.94 1.27 10.78
CA PHE A 258 -16.20 1.68 12.11
C PHE A 258 -14.93 2.16 12.82
N ALA A 259 -13.90 1.30 12.83
CA ALA A 259 -12.71 1.51 13.69
C ALA A 259 -11.87 2.69 13.28
N LEU A 260 -11.75 2.92 11.99
CA LEU A 260 -10.77 3.95 11.48
C LEU A 260 -11.21 4.94 10.42
N MET A 261 -12.31 4.66 9.74
CA MET A 261 -12.69 5.45 8.58
C MET A 261 -13.18 6.84 8.98
N ARG A 262 -12.55 7.88 8.42
CA ARG A 262 -12.84 9.28 8.80
C ARG A 262 -13.69 10.07 7.80
N GLN A 263 -13.95 9.51 6.64
CA GLN A 263 -14.82 10.17 5.67
C GLN A 263 -15.44 9.12 4.81
N ASP A 264 -16.55 9.50 4.19
CA ASP A 264 -17.21 8.59 3.25
C ASP A 264 -16.44 8.58 1.94
N GLU A 265 -16.56 7.48 1.21
CA GLU A 265 -15.92 7.32 -0.07
C GLU A 265 -16.97 6.74 -1.03
N SER A 266 -16.70 6.80 -2.33
CA SER A 266 -17.56 6.15 -3.34
C SER A 266 -17.87 4.74 -2.92
N TRP A 267 -16.91 4.04 -2.35
CA TRP A 267 -17.04 2.60 -2.11
C TRP A 267 -17.73 2.25 -0.82
N GLY A 268 -17.97 3.23 0.07
CA GLY A 268 -18.51 2.89 1.39
C GLY A 268 -18.66 4.07 2.35
N LYS A 269 -19.43 3.85 3.40
CA LYS A 269 -19.72 4.89 4.40
C LYS A 269 -19.07 4.52 5.72
N GLN A 270 -18.72 5.55 6.48
CA GLN A 270 -18.38 5.40 7.86
C GLN A 270 -19.52 4.74 8.64
N PHE A 271 -19.18 3.81 9.52
CA PHE A 271 -20.08 3.32 10.54
C PHE A 271 -19.86 4.09 11.81
N TYR A 272 -20.93 4.65 12.38
CA TYR A 272 -20.86 5.32 13.71
C TYR A 272 -21.17 4.45 14.87
N TYR A 273 -21.88 3.36 14.57
CA TYR A 273 -22.50 2.52 15.57
C TYR A 273 -22.09 1.07 15.34
N TRP A 274 -22.06 0.29 16.43
CA TRP A 274 -21.61 -1.08 16.40
C TRP A 274 -22.12 -1.87 17.54
N GLY A 275 -22.49 -3.13 17.27
CA GLY A 275 -22.75 -4.10 18.33
C GLY A 275 -24.25 -4.26 18.54
N GLU A 276 -24.64 -5.46 18.94
CA GLU A 276 -26.00 -5.79 19.26
C GLU A 276 -26.47 -4.91 20.42
N GLY A 277 -27.57 -4.25 20.18
CA GLY A 277 -28.17 -3.34 21.14
C GLY A 277 -27.84 -1.89 20.93
N PHE A 278 -26.81 -1.58 20.13
CA PHE A 278 -26.35 -0.22 20.05
C PHE A 278 -26.51 0.35 18.65
N LEU A 279 -27.49 -0.21 17.90
CA LEU A 279 -27.72 0.32 16.59
C LEU A 279 -28.77 1.44 16.54
N SER A 280 -28.68 2.26 15.49
CA SER A 280 -29.59 3.39 15.31
C SER A 280 -30.87 2.95 14.62
N THR A 281 -31.96 3.62 14.98
CA THR A 281 -33.27 3.48 14.31
C THR A 281 -33.56 4.63 13.39
N THR A 282 -32.69 5.67 13.43
CA THR A 282 -32.89 6.84 12.62
C THR A 282 -31.87 6.86 11.47
N ASP A 283 -30.62 7.20 11.76
CA ASP A 283 -29.55 7.20 10.74
C ASP A 283 -29.01 5.76 10.54
N THR A 284 -29.86 4.88 9.99
CA THR A 284 -29.47 3.48 9.84
C THR A 284 -28.36 3.26 8.84
N GLU A 285 -28.12 4.25 7.98
CA GLU A 285 -26.96 4.20 7.08
C GLU A 285 -25.61 4.20 7.82
N ARG A 286 -25.63 4.50 9.10
CA ARG A 286 -24.39 4.48 9.92
C ARG A 286 -24.27 3.23 10.80
N ASN A 287 -25.22 2.30 10.69
CA ASN A 287 -25.06 0.99 11.29
C ASN A 287 -24.18 0.15 10.36
N PRO A 288 -23.48 -0.85 10.92
CA PRO A 288 -22.61 -1.74 10.10
C PRO A 288 -23.40 -2.54 9.06
N THR A 289 -22.79 -2.71 7.90
CA THR A 289 -23.27 -3.65 6.88
C THR A 289 -22.44 -4.95 6.90
N TRP A 290 -21.40 -4.99 7.74
CA TRP A 290 -20.53 -6.16 7.89
C TRP A 290 -19.63 -5.93 9.10
N GLY A 291 -18.94 -6.99 9.52
CA GLY A 291 -17.92 -6.87 10.56
C GLY A 291 -18.41 -6.84 11.98
N GLU A 292 -19.48 -7.56 12.25
CA GLU A 292 -20.08 -7.55 13.55
C GLU A 292 -19.61 -8.78 14.31
N GLU A 293 -20.26 -9.08 15.42
CA GLU A 293 -19.74 -10.05 16.39
C GLU A 293 -19.35 -11.39 15.79
N ALA A 294 -20.22 -11.94 14.96
CA ALA A 294 -19.92 -13.26 14.39
C ALA A 294 -18.66 -13.27 13.50
N THR A 295 -18.38 -12.13 12.86
CA THR A 295 -17.22 -12.00 11.99
C THR A 295 -15.91 -11.95 12.82
N ILE A 296 -15.99 -11.23 13.92
CA ILE A 296 -14.89 -11.19 14.88
C ILE A 296 -14.57 -12.62 15.35
N ASP A 297 -15.60 -13.36 15.77
CA ASP A 297 -15.38 -14.72 16.24
C ASP A 297 -14.72 -15.59 15.19
N GLN A 298 -15.21 -15.50 13.95
CA GLN A 298 -14.69 -16.30 12.84
C GLN A 298 -13.22 -16.01 12.54
N LEU A 299 -12.89 -14.69 12.55
CA LEU A 299 -11.50 -14.28 12.29
C LEU A 299 -10.54 -14.77 13.37
N PHE A 300 -10.92 -14.58 14.63
CA PHE A 300 -10.06 -15.03 15.74
C PHE A 300 -9.99 -16.54 15.73
N ASP A 301 -11.08 -17.23 15.36
CA ASP A 301 -10.97 -18.70 15.21
C ASP A 301 -9.88 -19.16 14.20
N LEU A 302 -9.72 -18.43 13.10
CA LEU A 302 -8.61 -18.74 12.17
C LEU A 302 -7.25 -18.77 12.89
N MET A 303 -7.01 -17.83 13.80
CA MET A 303 -5.70 -17.74 14.45
C MET A 303 -5.58 -18.77 15.55
N LYS A 304 -6.70 -19.10 16.19
CA LYS A 304 -6.70 -20.18 17.12
C LYS A 304 -6.28 -21.50 16.47
N THR A 305 -6.84 -21.80 15.32
CA THR A 305 -6.48 -23.02 14.64
C THR A 305 -5.03 -23.05 14.08
N LYS A 306 -4.63 -21.95 13.47
CA LYS A 306 -3.35 -21.87 12.80
C LYS A 306 -2.19 -21.89 13.77
N PHE A 307 -2.36 -21.25 14.94
CA PHE A 307 -1.24 -21.01 15.88
C PHE A 307 -1.49 -21.61 17.25
N VAL A 308 -2.50 -21.10 17.92
CA VAL A 308 -2.69 -21.44 19.32
C VAL A 308 -2.81 -22.93 19.54
N ASP A 309 -3.66 -23.56 18.72
CA ASP A 309 -3.83 -25.02 18.79
C ASP A 309 -2.58 -25.81 18.43
N GLN A 310 -1.57 -25.18 17.80
CA GLN A 310 -0.29 -25.82 17.52
C GLN A 310 0.77 -25.49 18.55
N GLY A 311 0.38 -24.84 19.63
CA GLY A 311 1.28 -24.52 20.76
C GLY A 311 2.00 -23.20 20.61
N ILE A 312 1.52 -22.38 19.69
CA ILE A 312 2.08 -21.06 19.40
C ILE A 312 1.13 -19.91 19.78
N PRO A 313 1.49 -19.14 20.84
CA PRO A 313 0.67 -18.00 21.21
C PRO A 313 0.63 -16.94 20.15
N VAL A 314 -0.49 -16.21 20.13
CA VAL A 314 -0.75 -15.10 19.22
C VAL A 314 -0.90 -13.79 19.99
N VAL A 315 -0.02 -12.85 19.68
CA VAL A 315 -0.14 -11.49 20.11
C VAL A 315 -1.09 -10.76 19.17
N LEU A 316 -2.18 -10.24 19.76
CA LEU A 316 -3.04 -9.27 19.08
C LEU A 316 -2.41 -7.91 19.34
N GLY A 317 -1.46 -7.56 18.48
CA GLY A 317 -0.56 -6.45 18.74
C GLY A 317 -1.14 -5.06 18.75
N GLU A 318 -2.24 -4.84 18.04
CA GLU A 318 -2.95 -3.56 17.97
C GLU A 318 -4.41 -3.84 17.72
N PHE A 319 -5.25 -3.11 18.45
CA PHE A 319 -6.66 -2.92 18.08
C PHE A 319 -7.18 -1.70 18.79
N SER A 320 -8.09 -0.98 18.14
CA SER A 320 -8.88 0.06 18.76
C SER A 320 -9.81 0.68 17.71
N ALA A 321 -10.96 1.09 18.17
CA ALA A 321 -11.91 1.84 17.39
C ALA A 321 -11.85 3.29 17.91
N MET A 322 -11.61 4.19 17.00
CA MET A 322 -11.44 5.61 17.37
C MET A 322 -12.71 6.28 17.86
N ARG A 323 -12.53 7.33 18.69
CA ARG A 323 -13.67 8.13 19.17
C ARG A 323 -14.09 9.10 18.09
N ARG A 324 -15.40 9.25 17.96
CA ARG A 324 -15.98 10.19 17.01
C ARG A 324 -16.66 11.33 17.78
N THR A 325 -15.83 12.24 18.32
CA THR A 325 -16.37 13.33 19.11
C THR A 325 -16.83 14.51 18.25
N ASN A 326 -16.76 14.36 16.93
CA ASN A 326 -17.50 15.23 16.04
C ASN A 326 -19.03 14.97 16.05
N LEU A 327 -19.46 13.83 16.58
CA LEU A 327 -20.88 13.56 16.81
C LEU A 327 -21.37 14.31 18.04
N THR A 328 -22.66 14.58 18.05
CA THR A 328 -23.24 15.24 19.17
C THR A 328 -24.55 14.58 19.58
N GLY A 329 -24.95 14.90 20.80
CA GLY A 329 -26.28 14.55 21.35
C GLY A 329 -26.46 13.04 21.40
N ASP A 330 -27.64 12.58 21.01
CA ASP A 330 -27.94 11.18 21.08
C ASP A 330 -27.04 10.31 20.15
N ALA A 331 -26.60 10.85 19.00
CA ALA A 331 -25.70 10.12 18.10
C ALA A 331 -24.38 9.83 18.79
N LEU A 332 -23.90 10.84 19.53
CA LEU A 332 -22.64 10.64 20.28
C LEU A 332 -22.81 9.59 21.34
N THR A 333 -23.91 9.65 22.07
CA THR A 333 -24.14 8.75 23.16
C THR A 333 -24.18 7.31 22.63
N LEU A 334 -24.90 7.14 21.54
CA LEU A 334 -24.98 5.77 20.97
C LEU A 334 -23.63 5.24 20.46
N HIS A 335 -22.95 6.12 19.74
CA HIS A 335 -21.59 5.82 19.24
C HIS A 335 -20.69 5.37 20.38
N LEU A 336 -20.65 6.17 21.45
CA LEU A 336 -19.75 5.81 22.56
C LEU A 336 -20.10 4.47 23.22
N ALA A 337 -21.39 4.18 23.27
CA ALA A 337 -21.82 2.87 23.84
C ALA A 337 -21.32 1.70 22.98
N GLY A 338 -21.53 1.79 21.65
CA GLY A 338 -21.08 0.69 20.77
C GLY A 338 -19.54 0.60 20.71
N ARG A 339 -18.89 1.77 20.71
CA ARG A 339 -17.39 1.83 20.74
C ARG A 339 -16.87 1.12 21.98
N ALA A 340 -17.50 1.41 23.13
CA ALA A 340 -17.07 0.76 24.35
C ALA A 340 -17.24 -0.74 24.28
N TYR A 341 -18.42 -1.15 23.83
CA TYR A 341 -18.72 -2.59 23.71
C TYR A 341 -17.78 -3.29 22.75
N TYR A 342 -17.46 -2.63 21.64
CA TYR A 342 -16.51 -3.20 20.67
C TYR A 342 -15.20 -3.56 21.36
N HIS A 343 -14.71 -2.68 22.25
CA HIS A 343 -13.44 -2.95 22.89
C HIS A 343 -13.56 -4.07 23.90
N LYS A 344 -14.67 -4.11 24.62
CA LYS A 344 -14.91 -5.19 25.53
C LYS A 344 -14.99 -6.54 24.80
N TYR A 345 -15.75 -6.53 23.69
CA TYR A 345 -15.96 -7.75 22.90
C TYR A 345 -14.69 -8.27 22.25
N VAL A 346 -13.92 -7.39 21.60
CA VAL A 346 -12.67 -7.83 21.02
C VAL A 346 -11.76 -8.43 22.13
N THR A 347 -11.64 -7.74 23.28
CA THR A 347 -10.78 -8.23 24.35
C THR A 347 -11.20 -9.63 24.84
N GLN A 348 -12.50 -9.75 25.12
CA GLN A 348 -13.03 -11.00 25.64
C GLN A 348 -12.87 -12.12 24.62
N GLN A 349 -13.19 -11.85 23.34
CA GLN A 349 -13.15 -12.96 22.34
C GLN A 349 -11.72 -13.38 21.93
N ALA A 350 -10.81 -12.41 22.03
CA ALA A 350 -9.39 -12.66 21.82
C ALA A 350 -8.91 -13.60 22.88
N LEU A 351 -9.11 -13.17 24.11
CA LEU A 351 -8.62 -13.99 25.25
C LEU A 351 -9.18 -15.35 25.28
N ALA A 352 -10.46 -15.48 24.97
CA ALA A 352 -11.06 -16.80 24.93
C ALA A 352 -10.41 -17.76 23.96
N ARG A 353 -9.75 -17.23 22.94
CA ARG A 353 -9.11 -18.01 21.87
C ARG A 353 -7.57 -17.99 21.87
N GLY A 354 -6.97 -17.49 22.96
CA GLY A 354 -5.53 -17.53 23.12
C GLY A 354 -4.78 -16.40 22.44
N LEU A 355 -5.51 -15.35 22.05
CA LEU A 355 -4.90 -14.16 21.48
C LEU A 355 -4.71 -13.15 22.63
N LEU A 356 -3.52 -12.47 22.66
CA LEU A 356 -3.22 -11.55 23.77
C LEU A 356 -3.52 -10.14 23.32
N PRO A 357 -4.56 -9.49 23.87
CA PRO A 357 -5.00 -8.21 23.27
C PRO A 357 -4.24 -7.00 23.79
N PHE A 358 -3.58 -6.29 22.87
CA PHE A 358 -2.89 -5.00 23.12
C PHE A 358 -3.64 -3.85 22.40
N TYR A 359 -4.19 -2.95 23.22
CA TYR A 359 -4.95 -1.78 22.80
C TYR A 359 -4.03 -0.78 22.13
N TRP A 360 -4.42 -0.25 20.98
CA TRP A 360 -3.74 0.81 20.31
C TRP A 360 -4.16 2.20 20.82
N ASP A 361 -3.20 2.89 21.47
CA ASP A 361 -3.43 4.18 22.09
C ASP A 361 -2.49 5.19 21.42
N ASN A 362 -3.05 6.14 20.68
CA ASN A 362 -2.26 7.12 19.96
C ASN A 362 -1.95 8.38 20.83
N GLY A 363 -2.39 8.36 22.08
CA GLY A 363 -2.20 9.47 22.99
C GLY A 363 -3.17 10.64 22.86
N GLY A 364 -4.02 10.66 21.84
CA GLY A 364 -4.87 11.79 21.57
C GLY A 364 -6.13 11.70 22.39
N ASN A 365 -6.67 12.87 22.76
CA ASN A 365 -7.93 12.90 23.48
C ASN A 365 -9.00 13.67 22.66
N ASP A 366 -8.69 13.98 21.42
CA ASP A 366 -9.51 14.77 20.52
C ASP A 366 -10.28 13.84 19.54
N ASN A 367 -10.89 14.44 18.52
CA ASN A 367 -11.70 13.63 17.59
C ASN A 367 -10.78 12.68 16.81
N PHE A 368 -11.30 11.50 16.53
CA PHE A 368 -10.58 10.47 15.73
C PHE A 368 -9.31 9.96 16.41
N SER A 369 -9.25 10.06 17.72
CA SER A 369 -8.15 9.57 18.49
C SER A 369 -8.51 8.31 19.29
N SER A 370 -7.49 7.74 19.91
CA SER A 370 -7.61 6.54 20.71
C SER A 370 -6.93 6.63 22.06
N GLY A 371 -6.48 7.82 22.49
CA GLY A 371 -5.88 7.94 23.81
C GLY A 371 -6.87 7.69 24.92
N ILE A 372 -6.59 6.72 25.77
CA ILE A 372 -7.40 6.54 26.97
C ILE A 372 -6.87 7.30 28.20
N PHE A 373 -5.54 7.54 28.19
CA PHE A 373 -4.89 8.42 29.19
C PHE A 373 -4.66 9.83 28.66
N ASN A 374 -4.65 10.79 29.60
CA ASN A 374 -4.21 12.14 29.27
C ASN A 374 -2.74 12.08 29.61
N ARG A 375 -1.91 12.07 28.60
CA ARG A 375 -0.44 11.87 28.76
C ARG A 375 0.22 13.06 29.47
N GLN A 376 -0.34 14.23 29.26
CA GLN A 376 0.25 15.44 29.85
C GLN A 376 0.08 15.42 31.42
N GLN A 377 -0.97 14.78 31.95
CA GLN A 377 -1.24 14.80 33.38
C GLN A 377 -1.17 13.46 34.06
N ASN A 378 -0.87 12.41 33.30
CA ASN A 378 -0.89 11.07 33.82
C ASN A 378 -2.17 10.81 34.56
N THR A 379 -3.25 11.05 33.83
CA THR A 379 -4.63 10.76 34.31
C THR A 379 -5.45 9.95 33.25
N VAL A 380 -6.56 9.38 33.73
CA VAL A 380 -7.46 8.66 32.87
C VAL A 380 -8.35 9.67 32.16
N PHE A 381 -8.31 9.65 30.84
CA PHE A 381 -9.21 10.43 30.02
C PHE A 381 -10.49 9.64 29.66
N ASP A 382 -10.36 8.38 29.33
CA ASP A 382 -11.53 7.64 28.77
C ASP A 382 -11.80 6.46 29.69
N GLN A 383 -12.45 6.76 30.82
CA GLN A 383 -12.71 5.72 31.78
C GLN A 383 -13.66 4.67 31.19
N GLN A 384 -14.52 5.09 30.28
CA GLN A 384 -15.52 4.15 29.66
C GLN A 384 -14.81 3.06 28.85
N VAL A 385 -13.85 3.43 28.01
CA VAL A 385 -13.04 2.41 27.31
C VAL A 385 -12.17 1.60 28.25
N LEU A 386 -11.53 2.27 29.21
CA LEU A 386 -10.73 1.53 30.16
C LEU A 386 -11.57 0.46 30.88
N ASP A 387 -12.72 0.87 31.41
CA ASP A 387 -13.65 -0.10 32.04
C ASP A 387 -14.01 -1.25 31.06
N ALA A 388 -14.32 -0.89 29.83
CA ALA A 388 -14.63 -1.90 28.76
C ALA A 388 -13.52 -2.95 28.62
N LEU A 389 -12.28 -2.47 28.54
CA LEU A 389 -11.14 -3.37 28.44
C LEU A 389 -10.99 -4.26 29.64
N LEU A 390 -11.10 -3.68 30.84
CA LEU A 390 -10.93 -4.46 32.07
C LEU A 390 -12.04 -5.49 32.22
N GLU A 391 -13.27 -5.07 31.91
CA GLU A 391 -14.40 -6.02 31.95
C GLU A 391 -14.20 -7.14 30.95
N GLY A 392 -13.74 -6.78 29.77
CA GLY A 392 -13.48 -7.77 28.71
C GLY A 392 -12.39 -8.73 29.13
N ALA A 393 -11.38 -8.23 29.86
CA ALA A 393 -10.31 -9.09 30.31
C ALA A 393 -10.61 -9.93 31.52
N GLY A 394 -11.75 -9.65 32.13
CA GLY A 394 -12.23 -10.40 33.33
C GLY A 394 -11.59 -9.81 34.56
N ALA A 395 -11.11 -8.59 34.45
CA ALA A 395 -10.42 -7.94 35.52
C ALA A 395 -11.43 -7.14 36.38
N GLN A 396 -12.61 -6.87 35.81
CA GLN A 396 -13.61 -6.07 36.50
C GLN A 396 -14.97 -6.57 36.06
N GLY B 24 25.32 14.27 -5.15
CA GLY B 24 25.24 13.30 -6.28
C GLY B 24 25.43 11.83 -5.90
N LEU B 25 24.34 11.16 -5.53
CA LEU B 25 24.31 9.68 -5.33
C LEU B 25 24.75 8.89 -6.64
N TYR B 26 24.27 9.36 -7.79
CA TYR B 26 24.56 8.77 -9.10
C TYR B 26 25.25 9.80 -10.02
N PRO B 27 25.99 9.31 -11.02
CA PRO B 27 26.53 10.21 -12.05
C PRO B 27 25.46 10.85 -12.94
N SER B 28 25.82 11.96 -13.58
CA SER B 28 24.95 12.61 -14.58
C SER B 28 24.79 11.72 -15.77
N TYR B 29 23.56 11.64 -16.29
CA TYR B 29 23.30 10.97 -17.56
C TYR B 29 22.79 11.96 -18.58
N ASN B 30 22.89 13.26 -18.26
CA ASN B 30 22.57 14.31 -19.23
C ASN B 30 23.88 14.83 -19.76
N THR B 31 24.46 13.96 -20.58
CA THR B 31 25.84 13.97 -21.07
C THR B 31 25.98 14.84 -22.35
N SER B 32 24.87 14.85 -23.12
CA SER B 32 24.78 15.50 -24.45
C SER B 32 23.53 16.37 -24.65
N PRO B 33 23.23 17.29 -23.70
CA PRO B 33 22.02 18.11 -23.91
C PRO B 33 22.08 18.73 -25.27
N ALA B 34 21.00 18.62 -26.05
CA ALA B 34 20.94 19.24 -27.36
C ALA B 34 20.16 20.55 -27.25
N ALA B 35 20.36 21.41 -28.24
CA ALA B 35 19.60 22.65 -28.36
C ALA B 35 18.12 22.29 -28.47
N PRO B 36 17.23 23.17 -27.91
CA PRO B 36 15.80 22.90 -28.07
C PRO B 36 15.41 22.74 -29.55
N ASP B 37 14.45 21.86 -29.79
CA ASP B 37 14.04 21.60 -31.17
C ASP B 37 12.56 21.27 -31.20
N SER B 38 11.77 22.18 -31.79
CA SER B 38 10.31 21.95 -31.88
C SER B 38 9.85 21.34 -33.22
N THR B 39 10.78 20.85 -34.02
CA THR B 39 10.45 20.12 -35.26
C THR B 39 9.66 18.86 -34.97
N GLY B 40 8.43 18.80 -35.52
CA GLY B 40 7.51 17.68 -35.26
C GLY B 40 6.85 17.64 -33.88
N MET B 41 6.93 18.76 -33.16
N MET B 41 7.01 18.74 -33.12
CA MET B 41 6.43 18.88 -31.80
CA MET B 41 6.49 18.92 -31.78
C MET B 41 5.51 20.08 -31.69
C MET B 41 5.57 20.15 -31.78
N GLN B 42 4.78 20.38 -32.76
N GLN B 42 4.74 20.29 -32.81
CA GLN B 42 4.04 21.64 -32.82
CA GLN B 42 4.00 21.55 -32.97
C GLN B 42 2.77 21.66 -32.01
C GLN B 42 2.76 21.64 -32.07
N SER B 43 2.20 20.49 -31.69
CA SER B 43 0.91 20.42 -31.02
C SER B 43 1.05 20.73 -29.57
N THR B 44 0.14 21.56 -29.06
CA THR B 44 -0.04 21.69 -27.60
C THR B 44 -0.60 20.36 -27.03
N ALA B 45 -0.62 20.24 -25.69
CA ALA B 45 -1.24 19.07 -25.06
C ALA B 45 -2.68 18.94 -25.52
N VAL B 46 -3.38 20.08 -25.56
CA VAL B 46 -4.81 20.11 -25.90
C VAL B 46 -5.04 19.63 -27.34
N GLN B 47 -4.14 20.05 -28.21
CA GLN B 47 -4.19 19.66 -29.61
C GLN B 47 -3.86 18.21 -29.84
N LEU B 48 -2.81 17.71 -29.16
CA LEU B 48 -2.43 16.28 -29.22
C LEU B 48 -3.59 15.45 -28.67
N ALA B 49 -4.24 15.89 -27.57
CA ALA B 49 -5.37 15.15 -26.96
C ALA B 49 -6.57 14.98 -27.92
N GLY B 50 -6.81 15.99 -28.75
CA GLY B 50 -7.85 15.92 -29.75
C GLY B 50 -7.62 14.83 -30.79
N LYS B 51 -6.37 14.40 -30.95
CA LYS B 51 -6.00 13.35 -31.91
C LYS B 51 -6.16 11.91 -31.37
N ILE B 52 -6.47 11.75 -30.08
CA ILE B 52 -6.52 10.43 -29.47
C ILE B 52 -7.93 10.28 -28.90
N ARG B 53 -8.67 9.27 -29.34
CA ARG B 53 -9.97 8.91 -28.73
C ARG B 53 -10.00 7.53 -28.03
N LEU B 54 -9.11 6.63 -28.43
CA LEU B 54 -9.09 5.30 -27.86
C LEU B 54 -7.67 4.70 -27.80
N GLY B 55 -7.26 4.29 -26.62
CA GLY B 55 -5.99 3.64 -26.49
C GLY B 55 -6.04 2.26 -25.90
N TRP B 56 -4.90 1.59 -26.04
CA TRP B 56 -4.75 0.18 -25.63
C TRP B 56 -3.45 0.02 -24.84
N ASN B 57 -3.56 -0.52 -23.62
CA ASN B 57 -2.38 -0.86 -22.83
C ASN B 57 -1.80 -2.17 -23.25
N ILE B 58 -0.50 -2.19 -23.47
CA ILE B 58 0.23 -3.49 -23.65
C ILE B 58 0.55 -4.09 -22.27
N GLY B 59 -0.48 -4.55 -21.61
CA GLY B 59 -0.36 -4.94 -20.24
C GLY B 59 0.43 -6.24 -20.02
N ASN B 60 1.02 -6.34 -18.81
CA ASN B 60 1.73 -7.49 -18.33
C ASN B 60 2.81 -7.99 -19.34
N THR B 61 3.54 -7.03 -19.95
CA THR B 61 4.51 -7.28 -20.99
C THR B 61 5.81 -6.58 -20.70
N MET B 62 6.06 -5.36 -21.19
CA MET B 62 7.40 -4.77 -21.00
C MET B 62 7.68 -4.35 -19.55
N GLU B 63 6.64 -4.34 -18.70
CA GLU B 63 6.77 -4.01 -17.26
C GLU B 63 6.93 -5.23 -16.37
N ALA B 64 6.90 -6.43 -17.01
CA ALA B 64 6.95 -7.69 -16.25
C ALA B 64 8.30 -7.88 -15.58
N ILE B 65 8.25 -8.26 -14.33
CA ILE B 65 9.45 -8.48 -13.52
C ILE B 65 9.92 -9.86 -13.89
N GLY B 66 11.18 -9.94 -14.30
CA GLY B 66 11.80 -11.16 -14.80
C GLY B 66 12.02 -11.16 -16.31
N GLY B 67 11.51 -10.12 -16.97
CA GLY B 67 11.66 -9.97 -18.42
C GLY B 67 10.35 -9.86 -19.14
N GLU B 68 10.42 -9.45 -20.39
CA GLU B 68 9.25 -9.07 -21.17
C GLU B 68 8.23 -10.22 -21.33
N THR B 69 8.71 -11.47 -21.37
CA THR B 69 7.79 -12.60 -21.45
C THR B 69 7.46 -13.31 -20.11
N ALA B 70 7.90 -12.75 -18.99
CA ALA B 70 7.85 -13.45 -17.71
C ALA B 70 6.44 -13.64 -17.13
N TRP B 71 5.48 -12.83 -17.54
CA TRP B 71 4.11 -12.92 -17.06
C TRP B 71 3.21 -13.48 -18.18
N GLY B 72 3.82 -14.19 -19.13
CA GLY B 72 3.04 -15.07 -20.04
C GLY B 72 2.59 -14.46 -21.34
N ASN B 73 2.96 -13.23 -21.63
CA ASN B 73 2.70 -12.66 -22.94
C ASN B 73 3.96 -12.75 -23.80
N PRO B 74 3.78 -12.81 -25.12
CA PRO B 74 4.91 -12.77 -26.05
C PRO B 74 5.55 -11.40 -26.06
N MET B 75 6.77 -11.38 -26.58
CA MET B 75 7.40 -10.11 -26.86
C MET B 75 6.50 -9.31 -27.79
N VAL B 76 6.48 -8.00 -27.58
CA VAL B 76 5.74 -7.07 -28.45
C VAL B 76 6.23 -7.23 -29.92
N SER B 77 5.29 -7.54 -30.80
CA SER B 77 5.58 -7.71 -32.21
C SER B 77 4.92 -6.61 -33.04
N ASN B 78 5.52 -6.34 -34.17
CA ASN B 78 4.89 -5.56 -35.23
C ASN B 78 3.48 -6.04 -35.59
N GLU B 79 3.28 -7.35 -35.74
CA GLU B 79 1.94 -7.93 -36.03
C GLU B 79 0.88 -7.51 -34.98
N LEU B 80 1.27 -7.54 -33.70
CA LEU B 80 0.39 -7.09 -32.62
C LEU B 80 0.02 -5.63 -32.81
N LEU B 81 1.04 -4.76 -32.98
CA LEU B 81 0.80 -3.32 -33.10
C LEU B 81 -0.07 -2.99 -34.34
N LYS B 82 0.12 -3.75 -35.41
CA LYS B 82 -0.69 -3.61 -36.65
C LYS B 82 -2.16 -3.94 -36.32
N LEU B 83 -2.34 -5.06 -35.63
CA LEU B 83 -3.69 -5.49 -35.20
C LEU B 83 -4.40 -4.45 -34.31
N VAL B 84 -3.63 -3.86 -33.39
CA VAL B 84 -4.15 -2.82 -32.49
C VAL B 84 -4.61 -1.62 -33.30
N LYS B 85 -3.77 -1.20 -34.23
CA LYS B 85 -4.08 -0.07 -35.07
C LYS B 85 -5.30 -0.42 -35.95
N ASP B 86 -5.20 -1.54 -36.65
CA ASP B 86 -6.30 -1.98 -37.54
C ASP B 86 -7.65 -2.18 -36.84
N SER B 87 -7.64 -2.55 -35.57
CA SER B 87 -8.86 -2.73 -34.79
C SER B 87 -9.56 -1.40 -34.42
N GLY B 88 -8.86 -0.26 -34.57
CA GLY B 88 -9.41 1.05 -34.31
C GLY B 88 -8.79 1.82 -33.14
N PHE B 89 -7.69 1.33 -32.56
CA PHE B 89 -6.99 2.11 -31.54
C PHE B 89 -6.09 3.20 -32.18
N ASP B 90 -6.01 4.36 -31.52
CA ASP B 90 -5.20 5.54 -31.95
C ASP B 90 -3.84 5.56 -31.23
N ALA B 91 -3.78 4.91 -30.07
CA ALA B 91 -2.62 5.00 -29.21
C ALA B 91 -2.39 3.74 -28.42
N VAL B 92 -1.14 3.54 -28.00
CA VAL B 92 -0.87 2.53 -27.01
C VAL B 92 -0.21 3.16 -25.79
N ARG B 93 -0.56 2.66 -24.59
CA ARG B 93 0.20 2.92 -23.37
C ARG B 93 1.04 1.67 -23.13
N ILE B 94 2.36 1.89 -22.95
CA ILE B 94 3.31 0.81 -22.74
C ILE B 94 3.92 0.93 -21.35
N PRO B 95 3.36 0.16 -20.38
CA PRO B 95 4.05 0.00 -19.12
C PRO B 95 5.45 -0.53 -19.37
N VAL B 96 6.48 0.09 -18.76
CA VAL B 96 7.86 -0.41 -18.91
C VAL B 96 8.56 -0.52 -17.55
N ALA B 97 9.28 -1.63 -17.34
CA ALA B 97 10.15 -1.79 -16.21
C ALA B 97 11.59 -1.37 -16.57
N TRP B 98 12.30 -0.87 -15.55
CA TRP B 98 13.64 -0.35 -15.75
C TRP B 98 14.66 -0.74 -14.68
N ASP B 99 14.24 -0.73 -13.45
CA ASP B 99 15.15 -0.94 -12.33
C ASP B 99 15.87 -2.26 -12.45
N GLN B 100 15.15 -3.32 -12.86
CA GLN B 100 15.75 -4.65 -12.92
C GLN B 100 16.81 -4.76 -14.03
N TYR B 101 16.82 -3.79 -14.95
CA TYR B 101 17.78 -3.74 -16.04
C TYR B 101 18.88 -2.73 -15.76
N ALA B 102 18.95 -2.19 -14.53
CA ALA B 102 19.92 -1.14 -14.18
C ALA B 102 20.93 -1.66 -13.21
N ASN B 103 22.15 -1.14 -13.34
CA ASN B 103 23.19 -1.34 -12.34
C ASN B 103 22.77 -0.58 -11.10
N GLN B 104 22.70 -1.24 -9.97
CA GLN B 104 22.21 -0.58 -8.78
C GLN B 104 23.17 0.41 -8.07
N GLU B 105 24.46 0.33 -8.41
CA GLU B 105 25.44 1.25 -7.83
C GLU B 105 25.41 2.53 -8.61
N SER B 106 25.33 2.46 -9.94
CA SER B 106 25.37 3.62 -10.81
C SER B 106 24.06 4.15 -11.35
N ALA B 107 23.03 3.33 -11.23
CA ALA B 107 21.72 3.54 -11.89
C ALA B 107 21.79 3.47 -13.42
N GLU B 108 22.87 2.93 -13.97
CA GLU B 108 23.00 2.83 -15.43
C GLU B 108 22.11 1.69 -15.98
N ILE B 109 21.25 2.04 -16.92
CA ILE B 109 20.32 1.09 -17.53
C ILE B 109 21.02 0.37 -18.68
N SER B 110 20.84 -0.93 -18.73
CA SER B 110 21.36 -1.76 -19.85
C SER B 110 21.13 -1.10 -21.22
N ALA B 111 22.19 -0.92 -21.99
CA ALA B 111 22.05 -0.47 -23.38
C ALA B 111 21.06 -1.35 -24.21
N ALA B 112 21.11 -2.67 -24.00
CA ALA B 112 20.29 -3.61 -24.74
C ALA B 112 18.84 -3.40 -24.42
N TRP B 113 18.51 -3.15 -23.18
CA TRP B 113 17.11 -2.83 -22.85
C TRP B 113 16.68 -1.47 -23.41
N LEU B 114 17.51 -0.44 -23.30
CA LEU B 114 17.18 0.85 -23.91
C LEU B 114 16.95 0.67 -25.38
N ASN B 115 17.76 -0.13 -26.04
CA ASN B 115 17.50 -0.39 -27.48
C ASN B 115 16.23 -1.22 -27.79
N ARG B 116 15.88 -2.16 -26.90
CA ARG B 116 14.59 -2.88 -27.02
C ARG B 116 13.40 -1.95 -26.88
N VAL B 117 13.45 -1.07 -25.89
CA VAL B 117 12.30 -0.11 -25.75
C VAL B 117 12.20 0.80 -26.99
N LYS B 118 13.34 1.29 -27.44
CA LYS B 118 13.37 2.11 -28.63
C LYS B 118 12.81 1.33 -29.82
N GLN B 119 13.13 0.05 -29.94
CA GLN B 119 12.60 -0.80 -31.05
C GLN B 119 11.06 -0.87 -31.01
N VAL B 120 10.53 -1.07 -29.81
CA VAL B 120 9.06 -1.14 -29.66
C VAL B 120 8.43 0.23 -29.93
N VAL B 121 9.01 1.33 -29.42
CA VAL B 121 8.48 2.65 -29.75
C VAL B 121 8.50 2.84 -31.29
N GLN B 122 9.59 2.39 -31.94
CA GLN B 122 9.71 2.62 -33.36
C GLN B 122 8.57 1.87 -34.13
N MET B 123 8.30 0.62 -33.77
CA MET B 123 7.26 -0.19 -34.45
C MET B 123 5.85 0.39 -34.24
N ALA B 124 5.60 0.92 -33.04
CA ALA B 124 4.31 1.52 -32.77
C ALA B 124 4.14 2.74 -33.64
N ILE B 125 5.18 3.58 -33.67
CA ILE B 125 5.15 4.77 -34.51
C ILE B 125 5.03 4.37 -36.00
N ASP B 126 5.72 3.33 -36.44
CA ASP B 126 5.61 2.82 -37.84
C ASP B 126 4.18 2.47 -38.18
N ASN B 127 3.42 2.03 -37.19
CA ASN B 127 2.02 1.63 -37.37
C ASN B 127 1.00 2.78 -37.10
N GLU B 128 1.50 4.01 -37.11
CA GLU B 128 0.71 5.21 -36.90
C GLU B 128 -0.04 5.30 -35.56
N LEU B 129 0.60 4.77 -34.50
CA LEU B 129 0.08 4.91 -33.12
C LEU B 129 0.84 5.96 -32.37
N TYR B 130 0.08 6.71 -31.56
CA TYR B 130 0.68 7.50 -30.47
C TYR B 130 1.14 6.49 -29.47
N VAL B 131 2.20 6.82 -28.75
CA VAL B 131 2.77 5.92 -27.75
C VAL B 131 3.07 6.66 -26.46
N LEU B 132 2.54 6.16 -25.33
CA LEU B 132 2.84 6.66 -24.03
C LEU B 132 3.69 5.63 -23.30
N ILE B 133 4.95 5.96 -22.98
CA ILE B 133 5.76 5.02 -22.16
C ILE B 133 5.91 5.60 -20.75
N ASN B 134 6.14 4.74 -19.77
CA ASN B 134 6.30 5.23 -18.41
C ASN B 134 7.48 4.51 -17.74
N ILE B 135 7.65 4.82 -16.44
CA ILE B 135 8.22 3.91 -15.50
C ILE B 135 7.05 3.37 -14.70
N HIS B 136 6.88 2.06 -14.69
CA HIS B 136 5.68 1.46 -14.08
C HIS B 136 5.91 1.17 -12.64
N TRP B 137 5.12 0.27 -12.05
CA TRP B 137 5.36 -0.18 -10.70
C TRP B 137 6.86 -0.56 -10.50
N ASP B 138 7.40 -1.31 -11.42
CA ASP B 138 8.86 -1.48 -11.59
C ASP B 138 9.52 -2.12 -10.37
N GLY B 139 8.77 -3.02 -9.73
CA GLY B 139 9.23 -3.71 -8.57
C GLY B 139 9.12 -2.93 -7.26
N GLY B 140 8.61 -1.69 -7.31
CA GLY B 140 8.24 -0.94 -6.15
C GLY B 140 9.12 0.25 -5.75
N TRP B 141 10.25 0.41 -6.41
CA TRP B 141 11.28 1.34 -5.88
C TRP B 141 10.71 2.74 -5.61
N LEU B 142 9.96 3.29 -6.55
CA LEU B 142 9.34 4.60 -6.38
C LEU B 142 7.89 4.45 -5.89
N GLU B 143 7.13 3.58 -6.58
CA GLU B 143 5.67 3.53 -6.41
C GLU B 143 5.20 3.28 -4.94
N ASN B 144 5.87 2.41 -4.20
CA ASN B 144 5.53 2.13 -2.85
C ASN B 144 6.36 2.92 -1.83
N ASN B 145 6.98 4.00 -2.30
CA ASN B 145 7.98 4.72 -1.50
C ASN B 145 7.82 6.23 -1.73
N ILE B 146 6.57 6.68 -1.61
CA ILE B 146 6.25 8.11 -1.69
C ILE B 146 6.34 8.66 -0.24
N THR B 147 7.57 8.71 0.31
CA THR B 147 7.76 9.02 1.70
C THR B 147 8.98 9.93 1.91
N PRO B 148 8.94 10.69 2.98
CA PRO B 148 10.12 11.57 3.26
C PRO B 148 11.46 10.83 3.36
N ALA B 149 11.48 9.65 4.00
CA ALA B 149 12.73 8.90 4.11
C ALA B 149 13.35 8.53 2.73
N LYS B 150 12.52 8.33 1.71
CA LYS B 150 12.99 7.92 0.41
C LYS B 150 13.10 9.04 -0.58
N LYS B 151 12.63 10.24 -0.24
CA LYS B 151 12.52 11.32 -1.21
C LYS B 151 13.83 11.57 -1.92
N ASP B 152 14.90 11.80 -1.16
CA ASP B 152 16.14 12.21 -1.81
C ASP B 152 16.75 11.12 -2.68
N GLU B 153 16.80 9.89 -2.15
CA GLU B 153 17.39 8.82 -2.95
C GLU B 153 16.49 8.45 -4.17
N ASN B 154 15.17 8.56 -4.01
CA ASN B 154 14.28 8.31 -5.16
C ASN B 154 14.30 9.38 -6.20
N ASN B 155 14.42 10.64 -5.81
CA ASN B 155 14.58 11.70 -6.79
C ASN B 155 15.85 11.45 -7.55
N ALA B 156 16.92 10.99 -6.88
CA ALA B 156 18.18 10.73 -7.57
C ALA B 156 18.01 9.65 -8.61
N LYS B 157 17.29 8.58 -8.26
CA LYS B 157 17.09 7.49 -9.23
C LYS B 157 16.11 7.88 -10.39
N GLN B 158 15.06 8.58 -10.04
CA GLN B 158 14.14 9.16 -11.00
C GLN B 158 14.87 10.03 -12.01
N LYS B 159 15.75 10.93 -11.50
CA LYS B 159 16.52 11.78 -12.39
C LYS B 159 17.45 10.93 -13.28
N ALA B 160 18.17 9.99 -12.70
CA ALA B 160 19.12 9.20 -13.50
C ALA B 160 18.42 8.34 -14.59
N PHE B 161 17.35 7.67 -14.23
CA PHE B 161 16.59 6.88 -15.19
C PHE B 161 15.97 7.75 -16.31
N TRP B 162 15.29 8.81 -15.91
CA TRP B 162 14.63 9.69 -16.93
C TRP B 162 15.65 10.39 -17.82
N GLU B 163 16.82 10.82 -17.25
CA GLU B 163 17.90 11.37 -18.12
C GLU B 163 18.27 10.35 -19.21
N GLN B 164 18.39 9.07 -18.84
CA GLN B 164 18.78 8.00 -19.80
C GLN B 164 17.65 7.67 -20.80
N ILE B 165 16.43 7.52 -20.28
CA ILE B 165 15.29 7.19 -21.13
C ILE B 165 15.07 8.30 -22.18
N ALA B 166 15.00 9.54 -21.68
CA ALA B 166 14.79 10.67 -22.52
C ALA B 166 15.91 10.93 -23.49
N THR B 167 17.17 10.75 -23.05
CA THR B 167 18.30 10.93 -23.95
C THR B 167 18.17 9.93 -25.14
N HIS B 168 17.94 8.66 -24.82
CA HIS B 168 17.93 7.60 -25.83
C HIS B 168 16.77 7.71 -26.85
N LEU B 169 15.63 8.21 -26.38
CA LEU B 169 14.44 8.33 -27.21
C LEU B 169 14.21 9.77 -27.68
N ARG B 170 15.25 10.63 -27.51
CA ARG B 170 15.08 12.09 -27.72
C ARG B 170 14.60 12.49 -29.11
N ASP B 171 15.00 11.74 -30.13
CA ASP B 171 14.75 12.17 -31.52
C ASP B 171 13.39 11.77 -32.10
N PHE B 172 12.59 11.05 -31.35
CA PHE B 172 11.21 10.73 -31.75
C PHE B 172 10.31 11.94 -31.68
N ASP B 173 9.36 12.01 -32.61
CA ASP B 173 8.46 13.16 -32.64
C ASP B 173 7.33 13.09 -31.60
N GLU B 174 6.31 13.95 -31.77
CA GLU B 174 5.23 14.06 -30.81
C GLU B 174 4.28 12.85 -30.75
N HIS B 175 4.52 11.86 -31.61
CA HIS B 175 3.91 10.53 -31.41
C HIS B 175 4.28 9.88 -30.08
N LEU B 176 5.44 10.27 -29.53
CA LEU B 176 5.91 9.69 -28.32
C LEU B 176 5.73 10.66 -27.13
N LEU B 177 5.03 10.17 -26.09
CA LEU B 177 4.78 10.88 -24.87
C LEU B 177 5.42 10.07 -23.77
N PHE B 178 5.78 10.75 -22.69
CA PHE B 178 6.33 10.15 -21.48
C PHE B 178 5.40 10.38 -20.26
N ALA B 179 5.25 9.34 -19.42
CA ALA B 179 4.53 9.39 -18.16
C ALA B 179 5.53 9.11 -17.07
N GLY B 180 5.66 10.03 -16.12
CA GLY B 180 6.79 9.96 -15.18
C GLY B 180 6.72 8.80 -14.21
N THR B 181 5.51 8.35 -13.84
CA THR B 181 5.25 7.36 -12.84
C THR B 181 4.00 6.55 -13.29
N ASN B 182 3.58 5.62 -12.43
CA ASN B 182 2.37 4.79 -12.74
C ASN B 182 1.25 5.07 -11.70
N GLU B 183 1.26 4.36 -10.55
CA GLU B 183 0.24 4.49 -9.50
C GLU B 183 0.86 4.86 -8.17
N PRO B 184 1.53 6.03 -8.13
CA PRO B 184 2.31 6.38 -6.95
C PRO B 184 1.47 6.39 -5.65
N ASN B 185 1.86 5.61 -4.65
CA ASN B 185 1.07 5.45 -3.44
C ASN B 185 1.24 6.66 -2.47
N ALA B 186 0.53 7.73 -2.78
CA ALA B 186 0.44 8.93 -1.93
C ALA B 186 -0.99 9.00 -1.28
N GLU B 187 -1.06 8.96 0.06
CA GLU B 187 -2.32 8.86 0.82
C GLU B 187 -2.68 10.17 1.51
N ASN B 188 -1.76 11.11 1.59
CA ASN B 188 -1.97 12.34 2.38
C ASN B 188 -1.13 13.46 1.85
N ALA B 189 -1.31 14.64 2.45
CA ALA B 189 -0.68 15.86 1.91
C ALA B 189 0.86 15.75 1.98
N GLU B 190 1.39 15.17 3.06
CA GLU B 190 2.86 15.00 3.17
C GLU B 190 3.40 14.13 2.00
N GLN B 191 2.76 12.99 1.76
CA GLN B 191 3.15 12.10 0.66
C GLN B 191 2.90 12.77 -0.70
N MET B 192 1.80 13.51 -0.80
CA MET B 192 1.59 14.32 -2.04
C MET B 192 2.75 15.29 -2.34
N ASP B 193 3.26 15.89 -1.28
N ASP B 193 3.32 15.94 -1.34
CA ASP B 193 4.42 16.77 -1.46
CA ASP B 193 4.47 16.84 -1.68
C ASP B 193 5.61 16.00 -2.08
C ASP B 193 5.71 16.03 -2.07
N VAL B 194 5.88 14.82 -1.53
CA VAL B 194 6.95 13.95 -2.02
C VAL B 194 6.73 13.62 -3.52
N LEU B 195 5.48 13.26 -3.84
CA LEU B 195 5.14 12.94 -5.20
C LEU B 195 5.33 14.12 -6.12
N ASN B 196 4.93 15.34 -5.68
CA ASN B 196 5.17 16.53 -6.50
C ASN B 196 6.67 16.66 -6.84
N SER B 197 7.53 16.38 -5.87
CA SER B 197 9.00 16.49 -6.15
C SER B 197 9.41 15.42 -7.15
N TYR B 198 8.87 14.16 -7.02
CA TYR B 198 9.19 13.10 -8.00
C TYR B 198 8.74 13.48 -9.39
N LEU B 199 7.57 14.11 -9.48
CA LEU B 199 7.07 14.56 -10.79
C LEU B 199 7.85 15.73 -11.37
N GLN B 200 8.26 16.66 -10.49
CA GLN B 200 9.09 17.78 -10.94
C GLN B 200 10.46 17.27 -11.40
N THR B 201 11.00 16.27 -10.71
CA THR B 201 12.28 15.71 -11.11
C THR B 201 12.20 15.10 -12.51
N PHE B 202 11.10 14.39 -12.77
CA PHE B 202 10.86 13.82 -14.08
C PHE B 202 10.80 14.89 -15.16
N VAL B 203 10.03 15.95 -14.95
CA VAL B 203 9.92 16.99 -15.94
C VAL B 203 11.30 17.61 -16.18
N ASP B 204 12.01 17.94 -15.09
CA ASP B 204 13.40 18.57 -15.20
C ASP B 204 14.39 17.74 -15.96
N ALA B 205 14.36 16.42 -15.68
CA ALA B 205 15.26 15.46 -16.31
C ALA B 205 15.01 15.43 -17.79
N VAL B 206 13.75 15.24 -18.16
CA VAL B 206 13.40 15.20 -19.58
C VAL B 206 13.77 16.50 -20.27
N ARG B 207 13.37 17.64 -19.71
CA ARG B 207 13.61 18.91 -20.39
C ARG B 207 15.09 19.19 -20.49
N SER B 208 15.85 18.72 -19.52
CA SER B 208 17.33 19.02 -19.46
C SER B 208 18.05 18.43 -20.64
N THR B 209 17.52 17.32 -21.22
CA THR B 209 18.19 16.65 -22.33
C THR B 209 18.03 17.40 -23.64
N GLY B 210 17.10 18.34 -23.67
CA GLY B 210 16.95 19.21 -24.81
C GLY B 210 16.45 18.51 -26.06
N GLY B 211 16.77 19.05 -27.21
CA GLY B 211 16.22 18.55 -28.47
C GLY B 211 14.71 18.62 -28.41
N LYS B 212 14.09 17.62 -29.04
CA LYS B 212 12.63 17.51 -29.04
C LYS B 212 12.08 17.27 -27.64
N ASN B 213 12.92 16.82 -26.69
CA ASN B 213 12.47 16.71 -25.32
C ASN B 213 12.20 18.06 -24.64
N ALA B 214 12.64 19.18 -25.23
CA ALA B 214 12.27 20.48 -24.72
C ALA B 214 10.78 20.77 -24.90
N TYR B 215 10.11 20.10 -25.85
CA TYR B 215 8.69 20.35 -26.17
C TYR B 215 7.74 19.16 -26.03
N ARG B 216 8.29 17.98 -25.74
CA ARG B 216 7.49 16.77 -25.73
C ARG B 216 6.43 16.82 -24.63
N VAL B 217 5.25 16.37 -24.97
CA VAL B 217 4.19 16.30 -24.02
C VAL B 217 4.50 15.22 -22.95
N LEU B 218 4.34 15.64 -21.70
CA LEU B 218 4.62 14.84 -20.52
C LEU B 218 3.34 14.67 -19.68
N VAL B 219 3.20 13.52 -19.05
CA VAL B 219 1.98 13.12 -18.40
C VAL B 219 2.34 12.85 -16.95
N LEU B 220 1.60 13.46 -16.05
CA LEU B 220 1.77 13.34 -14.62
C LEU B 220 0.61 12.66 -13.92
N GLN B 221 0.91 11.92 -12.90
CA GLN B 221 -0.03 11.01 -12.26
C GLN B 221 -0.51 11.62 -10.98
N GLY B 222 -1.81 11.60 -10.80
CA GLY B 222 -2.39 11.89 -9.50
C GLY B 222 -2.06 10.77 -8.54
N PRO B 223 -2.23 11.05 -7.24
CA PRO B 223 -1.97 10.14 -6.17
C PRO B 223 -2.80 8.86 -6.36
N VAL B 224 -2.09 7.72 -6.42
CA VAL B 224 -2.62 6.36 -6.71
C VAL B 224 -3.40 6.28 -8.05
N THR B 225 -3.19 7.26 -8.91
CA THR B 225 -4.04 7.59 -10.08
C THR B 225 -5.56 7.49 -9.70
N ASP B 226 -5.91 7.79 -8.47
CA ASP B 226 -7.27 7.67 -8.02
C ASP B 226 -7.96 9.02 -8.12
N ILE B 227 -9.16 9.04 -8.67
CA ILE B 227 -9.84 10.29 -8.88
C ILE B 227 -10.17 11.03 -7.64
N GLU B 228 -10.70 10.32 -6.65
CA GLU B 228 -11.07 10.98 -5.39
C GLU B 228 -9.81 11.48 -4.65
N LYS B 229 -8.77 10.66 -4.58
CA LYS B 229 -7.51 11.11 -3.94
C LYS B 229 -6.92 12.29 -4.66
N THR B 230 -6.99 12.29 -5.98
CA THR B 230 -6.43 13.38 -6.76
C THR B 230 -7.20 14.66 -6.54
N ASN B 231 -8.52 14.53 -6.45
CA ASN B 231 -9.36 15.69 -6.17
C ASN B 231 -9.07 16.25 -4.78
N GLU B 232 -8.81 15.38 -3.80
N GLU B 232 -8.82 15.38 -3.81
CA GLU B 232 -8.53 15.76 -2.41
CA GLU B 232 -8.63 15.76 -2.42
C GLU B 232 -7.17 16.44 -2.28
C GLU B 232 -7.19 16.31 -2.16
N LEU B 233 -6.16 15.82 -2.85
CA LEU B 233 -4.75 16.14 -2.52
C LEU B 233 -3.96 16.94 -3.54
N TRP B 234 -4.37 16.94 -4.79
CA TRP B 234 -3.55 17.55 -5.83
C TRP B 234 -3.49 19.03 -5.60
N THR B 235 -2.30 19.62 -5.72
CA THR B 235 -2.09 21.04 -5.52
C THR B 235 -1.76 21.77 -6.81
N HIS B 236 -0.78 21.34 -7.57
CA HIS B 236 -0.34 22.06 -8.80
C HIS B 236 0.42 21.13 -9.72
N MET B 237 0.54 21.54 -10.99
CA MET B 237 1.43 20.90 -11.91
C MET B 237 2.91 21.24 -11.54
N PRO B 238 3.85 20.42 -12.01
CA PRO B 238 5.28 20.80 -12.01
C PRO B 238 5.52 22.06 -12.84
N ALA B 239 6.53 22.83 -12.44
CA ALA B 239 6.98 23.97 -13.22
C ALA B 239 7.74 23.43 -14.42
N ASP B 240 7.28 23.87 -15.56
CA ASP B 240 7.83 23.47 -16.84
C ASP B 240 8.38 24.69 -17.53
N THR B 241 9.55 24.53 -18.15
CA THR B 241 10.04 25.52 -19.08
C THR B 241 9.24 25.61 -20.37
N ALA B 242 8.68 24.50 -20.83
CA ALA B 242 7.79 24.49 -21.98
C ALA B 242 6.37 25.00 -21.60
N THR B 243 5.64 25.54 -22.58
CA THR B 243 4.25 26.02 -22.37
C THR B 243 3.19 25.05 -23.01
N ASP B 244 2.18 24.76 -22.18
CA ASP B 244 1.04 23.94 -22.60
C ASP B 244 1.43 22.54 -23.09
N ARG B 245 2.38 21.88 -22.39
CA ARG B 245 2.85 20.56 -22.77
C ARG B 245 2.73 19.51 -21.69
N LEU B 246 1.77 19.67 -20.79
CA LEU B 246 1.52 18.70 -19.74
C LEU B 246 0.08 18.14 -19.79
N MET B 247 -0.05 16.87 -19.47
CA MET B 247 -1.35 16.24 -19.16
C MET B 247 -1.35 15.62 -17.77
N ALA B 248 -2.54 15.36 -17.23
CA ALA B 248 -2.67 14.59 -16.01
C ALA B 248 -3.14 13.17 -16.35
N GLU B 249 -2.99 12.26 -15.40
CA GLU B 249 -3.39 10.86 -15.58
C GLU B 249 -4.08 10.34 -14.35
N VAL B 250 -5.21 9.63 -14.58
CA VAL B 250 -5.87 8.85 -13.55
C VAL B 250 -6.23 7.49 -14.19
N HIS B 251 -6.49 6.52 -13.33
CA HIS B 251 -6.93 5.18 -13.67
C HIS B 251 -8.34 4.98 -13.09
N PHE B 252 -9.04 3.93 -13.56
CA PHE B 252 -10.43 3.79 -13.20
C PHE B 252 -10.82 2.32 -13.26
N TYR B 253 -11.15 1.81 -12.09
CA TYR B 253 -11.70 0.45 -11.93
C TYR B 253 -12.91 0.43 -11.02
N THR B 254 -13.69 1.52 -11.08
CA THR B 254 -14.87 1.71 -10.23
C THR B 254 -16.10 1.11 -10.92
N PRO B 255 -16.90 0.30 -10.23
CA PRO B 255 -16.72 -0.21 -8.92
C PRO B 255 -15.89 -1.46 -8.89
N TYR B 256 -14.98 -1.50 -7.95
CA TYR B 256 -14.08 -2.65 -7.81
C TYR B 256 -14.87 -4.00 -7.86
N ASN B 257 -15.97 -4.02 -7.14
CA ASN B 257 -16.77 -5.25 -6.97
C ASN B 257 -17.17 -5.81 -8.32
N PHE B 258 -17.36 -4.94 -9.32
CA PHE B 258 -17.68 -5.43 -10.69
C PHE B 258 -16.40 -5.64 -11.52
N ALA B 259 -15.47 -4.63 -11.53
CA ALA B 259 -14.38 -4.66 -12.45
C ALA B 259 -13.29 -5.67 -12.16
N LEU B 260 -13.02 -5.92 -10.87
CA LEU B 260 -11.83 -6.68 -10.48
C LEU B 260 -12.02 -7.73 -9.45
N MET B 261 -13.12 -7.71 -8.71
CA MET B 261 -13.26 -8.58 -7.54
C MET B 261 -13.51 -10.05 -7.92
N ARG B 262 -12.57 -10.92 -7.53
CA ARG B 262 -12.53 -12.30 -7.91
C ARG B 262 -13.22 -13.30 -6.96
N GLN B 263 -13.65 -12.78 -5.81
CA GLN B 263 -14.22 -13.56 -4.72
C GLN B 263 -15.00 -12.68 -3.77
N ASP B 264 -16.06 -13.23 -3.18
CA ASP B 264 -16.77 -12.53 -2.13
C ASP B 264 -15.90 -12.41 -0.89
N GLU B 265 -16.11 -11.30 -0.15
CA GLU B 265 -15.37 -11.08 1.12
C GLU B 265 -16.33 -10.71 2.20
N SER B 266 -15.87 -10.76 3.45
CA SER B 266 -16.69 -10.30 4.54
C SER B 266 -17.27 -8.91 4.26
N TRP B 267 -16.50 -8.06 3.56
CA TRP B 267 -16.85 -6.65 3.43
C TRP B 267 -17.58 -6.39 2.14
N GLY B 268 -17.81 -7.37 1.28
CA GLY B 268 -18.53 -7.05 0.08
C GLY B 268 -18.75 -8.23 -0.85
N LYS B 269 -19.60 -8.01 -1.82
CA LYS B 269 -20.06 -9.04 -2.74
C LYS B 269 -19.53 -8.71 -4.09
N GLN B 270 -19.11 -9.72 -4.85
CA GLN B 270 -18.86 -9.50 -6.30
C GLN B 270 -20.15 -9.00 -6.99
N PHE B 271 -20.01 -8.04 -7.89
CA PHE B 271 -21.11 -7.64 -8.76
C PHE B 271 -20.89 -8.39 -10.10
N TYR B 272 -21.90 -9.14 -10.56
CA TYR B 272 -21.80 -9.82 -11.86
C TYR B 272 -22.33 -8.99 -13.01
N TYR B 273 -23.19 -8.04 -12.65
CA TYR B 273 -23.95 -7.26 -13.62
C TYR B 273 -23.76 -5.80 -13.41
N TRP B 274 -23.89 -5.05 -14.50
CA TRP B 274 -23.78 -3.60 -14.45
C TRP B 274 -24.51 -2.93 -15.61
N GLY B 275 -25.19 -1.83 -15.28
CA GLY B 275 -25.71 -0.92 -16.29
C GLY B 275 -27.20 -1.02 -16.34
N GLU B 276 -27.82 0.14 -16.45
CA GLU B 276 -29.26 0.21 -16.54
C GLU B 276 -29.71 -0.64 -17.74
N GLY B 277 -30.61 -1.53 -17.46
CA GLY B 277 -31.08 -2.43 -18.53
C GLY B 277 -30.28 -3.72 -18.58
N PHE B 278 -29.22 -3.85 -17.78
CA PHE B 278 -28.49 -5.10 -17.70
C PHE B 278 -28.44 -5.69 -16.31
N LEU B 279 -29.41 -5.31 -15.45
CA LEU B 279 -29.51 -5.83 -14.08
C LEU B 279 -30.46 -7.04 -14.04
N SER B 280 -30.38 -7.78 -12.95
CA SER B 280 -31.13 -9.00 -12.77
C SER B 280 -32.34 -8.74 -11.90
N THR B 281 -33.44 -9.45 -12.18
CA THR B 281 -34.59 -9.44 -11.30
C THR B 281 -34.72 -10.75 -10.54
N THR B 282 -33.68 -11.61 -10.65
CA THR B 282 -33.68 -12.88 -9.95
C THR B 282 -32.64 -12.84 -8.80
N ASP B 283 -31.43 -13.15 -9.18
CA ASP B 283 -30.22 -12.93 -8.31
C ASP B 283 -29.84 -11.46 -8.16
N THR B 284 -30.73 -10.71 -7.52
CA THR B 284 -30.64 -9.27 -7.43
C THR B 284 -29.45 -8.85 -6.52
N GLU B 285 -29.03 -9.76 -5.65
CA GLU B 285 -27.81 -9.56 -4.80
C GLU B 285 -26.51 -9.35 -5.57
N ARG B 286 -26.50 -9.66 -6.87
CA ARG B 286 -25.33 -9.49 -7.76
C ARG B 286 -25.39 -8.29 -8.62
N ASN B 287 -26.45 -7.49 -8.43
CA ASN B 287 -26.56 -6.11 -8.97
C ASN B 287 -25.65 -5.22 -8.10
N PRO B 288 -25.05 -4.18 -8.70
CA PRO B 288 -24.33 -3.17 -7.91
C PRO B 288 -25.20 -2.49 -6.85
N THR B 289 -24.59 -2.22 -5.70
CA THR B 289 -25.15 -1.37 -4.71
C THR B 289 -24.45 0.00 -4.70
N TRP B 290 -23.52 0.22 -5.62
CA TRP B 290 -22.91 1.54 -5.80
C TRP B 290 -22.10 1.48 -7.07
N GLY B 291 -21.74 2.64 -7.58
CA GLY B 291 -20.77 2.69 -8.63
C GLY B 291 -21.38 2.52 -10.00
N GLU B 292 -22.62 2.98 -10.15
CA GLU B 292 -23.29 2.91 -11.44
C GLU B 292 -23.08 4.21 -12.24
N GLU B 293 -23.91 4.43 -13.27
CA GLU B 293 -23.70 5.45 -14.28
C GLU B 293 -23.51 6.82 -13.67
N ALA B 294 -24.33 7.18 -12.68
CA ALA B 294 -24.31 8.53 -12.08
C ALA B 294 -22.97 8.78 -11.35
N THR B 295 -22.45 7.73 -10.71
CA THR B 295 -21.15 7.76 -10.01
C THR B 295 -20.02 7.96 -11.00
N ILE B 296 -20.02 7.23 -12.09
CA ILE B 296 -18.99 7.41 -13.11
C ILE B 296 -18.98 8.88 -13.63
N ASP B 297 -20.16 9.40 -13.94
CA ASP B 297 -20.32 10.77 -14.37
C ASP B 297 -19.75 11.75 -13.33
N GLN B 298 -20.11 11.58 -12.05
CA GLN B 298 -19.68 12.54 -10.98
C GLN B 298 -18.18 12.51 -10.86
N LEU B 299 -17.59 11.31 -10.91
CA LEU B 299 -16.13 11.12 -10.73
C LEU B 299 -15.37 11.77 -11.87
N PHE B 300 -15.83 11.56 -13.09
CA PHE B 300 -15.16 12.09 -14.25
C PHE B 300 -15.33 13.62 -14.25
N ASP B 301 -16.48 14.10 -13.78
CA ASP B 301 -16.72 15.53 -13.67
C ASP B 301 -15.69 16.19 -12.76
N LEU B 302 -15.23 15.49 -11.69
CA LEU B 302 -14.23 16.07 -10.80
C LEU B 302 -12.96 16.38 -11.58
N MET B 303 -12.56 15.51 -12.51
CA MET B 303 -11.31 15.66 -13.30
C MET B 303 -11.51 16.66 -14.44
N LYS B 304 -12.72 16.74 -14.93
CA LYS B 304 -13.02 17.75 -15.92
C LYS B 304 -12.86 19.12 -15.31
N THR B 305 -13.37 19.30 -14.10
CA THR B 305 -13.32 20.64 -13.42
C THR B 305 -11.84 20.97 -13.05
N LYS B 306 -11.17 20.00 -12.43
CA LYS B 306 -9.81 20.23 -11.95
C LYS B 306 -8.79 20.50 -13.07
N PHE B 307 -8.85 19.75 -14.15
CA PHE B 307 -7.81 19.77 -15.20
C PHE B 307 -8.31 20.22 -16.54
N VAL B 308 -9.24 19.49 -17.11
CA VAL B 308 -9.65 19.76 -18.49
C VAL B 308 -10.14 21.20 -18.71
N ASP B 309 -10.95 21.71 -17.77
CA ASP B 309 -11.49 23.07 -17.89
C ASP B 309 -10.43 24.13 -17.64
N GLN B 310 -9.29 23.72 -17.10
CA GLN B 310 -8.11 24.57 -16.92
C GLN B 310 -7.10 24.38 -18.04
N GLY B 311 -7.49 23.68 -19.11
CA GLY B 311 -6.59 23.50 -20.25
C GLY B 311 -5.63 22.33 -20.10
N ILE B 312 -5.83 21.47 -19.10
CA ILE B 312 -4.96 20.29 -18.95
C ILE B 312 -5.78 19.02 -19.36
N PRO B 313 -5.41 18.37 -20.46
CA PRO B 313 -6.09 17.10 -20.82
C PRO B 313 -5.77 16.01 -19.80
N VAL B 314 -6.69 15.05 -19.66
CA VAL B 314 -6.56 13.98 -18.71
C VAL B 314 -6.45 12.68 -19.47
N VAL B 315 -5.35 11.97 -19.29
CA VAL B 315 -5.19 10.56 -19.73
C VAL B 315 -5.91 9.66 -18.75
N LEU B 316 -6.92 8.91 -19.21
CA LEU B 316 -7.51 7.85 -18.39
C LEU B 316 -6.68 6.61 -18.75
N GLY B 317 -5.55 6.48 -18.04
CA GLY B 317 -4.49 5.57 -18.46
C GLY B 317 -4.78 4.10 -18.43
N GLU B 318 -5.74 3.72 -17.57
CA GLU B 318 -6.18 2.32 -17.49
C GLU B 318 -7.61 2.27 -17.05
N PHE B 319 -8.33 1.38 -17.72
CA PHE B 319 -9.66 0.93 -17.24
C PHE B 319 -9.97 -0.42 -17.87
N SER B 320 -10.72 -1.27 -17.14
CA SER B 320 -11.34 -2.48 -17.74
C SER B 320 -12.03 -3.26 -16.66
N ALA B 321 -13.12 -3.93 -17.05
CA ALA B 321 -13.86 -4.86 -16.20
C ALA B 321 -13.57 -6.23 -16.78
N MET B 322 -13.05 -7.10 -15.92
CA MET B 322 -12.63 -8.44 -16.31
C MET B 322 -13.82 -9.26 -16.77
N ARG B 323 -13.52 -10.27 -17.60
CA ARG B 323 -14.56 -11.22 -17.99
C ARG B 323 -14.82 -12.24 -16.90
N ARG B 324 -16.09 -12.60 -16.72
CA ARG B 324 -16.50 -13.61 -15.74
C ARG B 324 -17.04 -14.84 -16.46
N THR B 325 -16.14 -15.55 -17.09
CA THR B 325 -16.49 -16.77 -17.79
C THR B 325 -16.64 -17.99 -16.93
N ASN B 326 -16.56 -17.84 -15.63
CA ASN B 326 -16.97 -18.87 -14.68
C ASN B 326 -18.49 -18.95 -14.50
N LEU B 327 -19.16 -17.89 -14.89
CA LEU B 327 -20.62 -17.88 -14.93
C LEU B 327 -21.08 -18.75 -16.11
N THR B 328 -22.35 -19.18 -16.06
CA THR B 328 -22.94 -20.00 -17.09
C THR B 328 -24.33 -19.49 -17.47
N GLY B 329 -24.78 -19.88 -18.66
CA GLY B 329 -26.16 -19.65 -19.09
C GLY B 329 -26.57 -18.20 -19.14
N ASP B 330 -27.81 -17.95 -18.70
CA ASP B 330 -28.39 -16.62 -18.71
C ASP B 330 -27.57 -15.62 -17.86
N ALA B 331 -26.99 -16.09 -16.75
CA ALA B 331 -26.15 -15.24 -15.91
C ALA B 331 -24.96 -14.77 -16.69
N LEU B 332 -24.34 -15.68 -17.40
CA LEU B 332 -23.20 -15.31 -18.23
C LEU B 332 -23.54 -14.30 -19.31
N THR B 333 -24.63 -14.60 -20.04
CA THR B 333 -25.06 -13.70 -21.10
C THR B 333 -25.32 -12.27 -20.58
N LEU B 334 -25.99 -12.20 -19.44
CA LEU B 334 -26.36 -10.95 -18.81
C LEU B 334 -25.10 -10.20 -18.41
N HIS B 335 -24.22 -10.93 -17.71
CA HIS B 335 -22.91 -10.39 -17.33
C HIS B 335 -22.15 -9.87 -18.54
N LEU B 336 -22.07 -10.63 -19.61
CA LEU B 336 -21.24 -10.17 -20.72
C LEU B 336 -21.86 -8.96 -21.41
N ALA B 337 -23.19 -8.87 -21.42
CA ALA B 337 -23.87 -7.73 -22.02
C ALA B 337 -23.60 -6.43 -21.22
N GLY B 338 -23.76 -6.52 -19.90
CA GLY B 338 -23.50 -5.40 -18.99
C GLY B 338 -22.03 -5.02 -19.00
N ARG B 339 -21.16 -6.01 -19.07
CA ARG B 339 -19.71 -5.75 -19.18
C ARG B 339 -19.33 -5.00 -20.44
N ALA B 340 -19.93 -5.38 -21.54
CA ALA B 340 -19.77 -4.65 -22.78
C ALA B 340 -20.31 -3.21 -22.61
N TYR B 341 -21.51 -3.04 -22.05
CA TYR B 341 -22.05 -1.71 -21.87
C TYR B 341 -21.13 -0.83 -20.95
N TYR B 342 -20.57 -1.46 -19.91
CA TYR B 342 -19.63 -0.71 -19.01
C TYR B 342 -18.48 -0.09 -19.78
N HIS B 343 -17.89 -0.85 -20.67
CA HIS B 343 -16.78 -0.34 -21.49
C HIS B 343 -17.19 0.75 -22.46
N LYS B 344 -18.36 0.60 -23.04
CA LYS B 344 -18.91 1.63 -23.90
C LYS B 344 -19.18 2.91 -23.08
N TYR B 345 -19.85 2.76 -21.95
CA TYR B 345 -20.23 3.88 -21.11
C TYR B 345 -18.98 4.64 -20.62
N VAL B 346 -18.03 3.91 -20.03
CA VAL B 346 -16.79 4.54 -19.54
C VAL B 346 -16.13 5.31 -20.67
N THR B 347 -15.94 4.63 -21.78
CA THR B 347 -15.31 5.22 -22.94
C THR B 347 -16.00 6.50 -23.40
N GLN B 348 -17.29 6.40 -23.59
CA GLN B 348 -18.06 7.57 -24.08
C GLN B 348 -18.07 8.74 -23.11
N GLN B 349 -18.33 8.44 -21.84
CA GLN B 349 -18.44 9.50 -20.86
C GLN B 349 -17.07 10.13 -20.53
N ALA B 350 -16.01 9.34 -20.66
CA ALA B 350 -14.65 9.88 -20.55
C ALA B 350 -14.41 10.90 -21.65
N LEU B 351 -14.58 10.48 -22.88
CA LEU B 351 -14.39 11.35 -24.01
C LEU B 351 -15.23 12.62 -23.98
N ALA B 352 -16.48 12.50 -23.55
CA ALA B 352 -17.39 13.67 -23.43
C ALA B 352 -16.85 14.76 -22.48
N ARG B 353 -16.01 14.35 -21.52
CA ARG B 353 -15.44 15.21 -20.50
C ARG B 353 -13.96 15.51 -20.68
N GLY B 354 -13.37 15.17 -21.82
CA GLY B 354 -11.98 15.44 -22.07
C GLY B 354 -11.02 14.45 -21.43
N LEU B 355 -11.50 13.30 -20.96
CA LEU B 355 -10.58 12.23 -20.54
C LEU B 355 -10.26 11.31 -21.72
N LEU B 356 -9.02 10.84 -21.83
CA LEU B 356 -8.58 10.03 -22.98
C LEU B 356 -8.53 8.55 -22.53
N PRO B 357 -9.44 7.72 -23.02
CA PRO B 357 -9.61 6.37 -22.43
C PRO B 357 -8.64 5.31 -23.00
N PHE B 358 -7.79 4.74 -22.14
CA PHE B 358 -6.84 3.67 -22.53
C PHE B 358 -7.23 2.35 -21.83
N TYR B 359 -7.67 1.34 -22.60
CA TYR B 359 -8.18 0.10 -22.10
C TYR B 359 -7.03 -0.73 -21.50
N TRP B 360 -7.26 -1.29 -20.31
CA TRP B 360 -6.29 -2.19 -19.70
C TRP B 360 -6.46 -3.64 -20.17
N ASP B 361 -5.47 -4.11 -20.90
CA ASP B 361 -5.42 -5.43 -21.53
C ASP B 361 -4.25 -6.24 -20.91
N ASN B 362 -4.57 -7.20 -20.07
CA ASN B 362 -3.50 -8.04 -19.49
C ASN B 362 -3.01 -9.21 -20.35
N GLY B 363 -3.63 -9.43 -21.49
CA GLY B 363 -3.19 -10.48 -22.42
C GLY B 363 -3.92 -11.79 -22.28
N GLY B 364 -4.61 -11.97 -21.16
CA GLY B 364 -5.27 -13.28 -20.81
C GLY B 364 -6.61 -13.41 -21.54
N ASN B 365 -7.00 -14.67 -21.85
CA ASN B 365 -8.31 -14.94 -22.48
C ASN B 365 -9.20 -15.83 -21.58
N ASP B 366 -8.69 -16.15 -20.39
CA ASP B 366 -9.31 -17.06 -19.48
C ASP B 366 -10.26 -16.33 -18.48
N ASN B 367 -10.85 -17.06 -17.52
CA ASN B 367 -11.69 -16.39 -16.55
C ASN B 367 -10.86 -15.30 -15.83
N PHE B 368 -11.55 -14.22 -15.53
CA PHE B 368 -11.00 -13.11 -14.73
C PHE B 368 -9.87 -12.35 -15.44
N SER B 369 -9.79 -12.48 -16.77
CA SER B 369 -8.80 -11.78 -17.58
C SER B 369 -9.38 -10.57 -18.29
N SER B 370 -8.52 -9.86 -18.96
CA SER B 370 -8.96 -8.65 -19.71
C SER B 370 -8.36 -8.55 -21.12
N GLY B 371 -7.69 -9.59 -21.61
CA GLY B 371 -7.17 -9.53 -22.97
C GLY B 371 -8.33 -9.54 -24.01
N ILE B 372 -8.35 -8.55 -24.90
CA ILE B 372 -9.29 -8.51 -26.02
C ILE B 372 -8.74 -9.21 -27.25
N PHE B 373 -7.42 -9.31 -27.32
CA PHE B 373 -6.70 -10.07 -28.35
C PHE B 373 -6.11 -11.37 -27.80
N ASN B 374 -6.02 -12.33 -28.69
CA ASN B 374 -5.18 -13.53 -28.50
C ASN B 374 -3.81 -13.15 -29.08
N ARG B 375 -2.84 -12.85 -28.19
CA ARG B 375 -1.52 -12.41 -28.60
C ARG B 375 -0.64 -13.51 -29.21
N GLN B 376 -0.90 -14.75 -28.85
CA GLN B 376 -0.14 -15.86 -29.45
C GLN B 376 -0.54 -16.03 -30.93
N GLN B 377 -1.78 -15.77 -31.29
N GLN B 377 -1.81 -15.79 -31.24
CA GLN B 377 -2.20 -15.90 -32.69
CA GLN B 377 -2.39 -15.91 -32.61
C GLN B 377 -2.55 -14.58 -33.37
C GLN B 377 -2.42 -14.58 -33.39
N ASN B 378 -2.46 -13.46 -32.64
CA ASN B 378 -2.76 -12.13 -33.19
C ASN B 378 -4.14 -12.10 -33.85
N THR B 379 -5.16 -12.51 -33.11
CA THR B 379 -6.56 -12.44 -33.52
C THR B 379 -7.34 -11.72 -32.42
N VAL B 380 -8.53 -11.26 -32.76
CA VAL B 380 -9.46 -10.72 -31.80
C VAL B 380 -10.13 -11.85 -31.02
N PHE B 381 -10.01 -11.83 -29.72
CA PHE B 381 -10.67 -12.79 -28.85
C PHE B 381 -12.06 -12.30 -28.38
N ASP B 382 -12.23 -10.99 -28.13
CA ASP B 382 -13.46 -10.45 -27.52
C ASP B 382 -13.91 -9.36 -28.41
N GLN B 383 -14.57 -9.73 -29.50
CA GLN B 383 -15.18 -8.75 -30.35
C GLN B 383 -16.30 -7.97 -29.69
N GLN B 384 -17.03 -8.57 -28.75
CA GLN B 384 -18.11 -7.90 -28.03
C GLN B 384 -17.57 -6.65 -27.26
N VAL B 385 -16.44 -6.82 -26.56
CA VAL B 385 -15.81 -5.69 -25.88
C VAL B 385 -15.25 -4.67 -26.83
N LEU B 386 -14.59 -5.15 -27.88
CA LEU B 386 -13.97 -4.27 -28.82
C LEU B 386 -15.04 -3.42 -29.53
N ASP B 387 -16.15 -4.04 -29.91
CA ASP B 387 -17.25 -3.28 -30.49
C ASP B 387 -17.72 -2.24 -29.51
N ALA B 388 -17.85 -2.60 -28.24
CA ALA B 388 -18.34 -1.63 -27.25
C ALA B 388 -17.40 -0.42 -27.13
N LEU B 389 -16.11 -0.65 -27.21
CA LEU B 389 -15.11 0.44 -27.11
C LEU B 389 -15.25 1.40 -28.28
N LEU B 390 -15.45 0.84 -29.48
CA LEU B 390 -15.50 1.63 -30.68
C LEU B 390 -16.77 2.43 -30.77
N GLU B 391 -17.86 1.82 -30.34
CA GLU B 391 -19.13 2.49 -30.22
C GLU B 391 -19.00 3.65 -29.25
N GLY B 392 -18.43 3.37 -28.08
CA GLY B 392 -18.18 4.45 -27.10
C GLY B 392 -17.35 5.61 -27.62
N ALA B 393 -16.38 5.30 -28.48
CA ALA B 393 -15.51 6.30 -29.04
C ALA B 393 -16.11 7.02 -30.24
N GLY B 394 -17.24 6.53 -30.77
CA GLY B 394 -17.90 7.11 -31.90
C GLY B 394 -17.30 6.49 -33.13
#